data_8DXU
#
_entry.id   8DXU
#
_cell.length_a   55.235
_cell.length_b   102.085
_cell.length_c   201.821
_cell.angle_alpha   90.000
_cell.angle_beta   90.000
_cell.angle_gamma   90.000
#
_symmetry.space_group_name_H-M   'P 21 21 21'
#
loop_
_entity.id
_entity.type
_entity.pdbx_description
1 polymer 'Spike protein S1'
2 polymer 'Heavy chain of Fab arm of antibody 10G4'
3 polymer 'Light chain of Fab arm of antibody 10G4'
4 polymer 'Heavy chain of Fab arm of antibody GAR03'
5 polymer 'Light chain of Fab arm of antibody GAR03'
6 non-polymer 2-acetamido-2-deoxy-beta-D-glucopyranose
7 non-polymer 'CHLORIDE ION'
8 water water
#
loop_
_entity_poly.entity_id
_entity_poly.type
_entity_poly.pdbx_seq_one_letter_code
_entity_poly.pdbx_strand_id
1 'polypeptide(L)'
;TNLCPFGEVFNATRFASVYAWNRKRISNCVADYSVLYNSASFSTFKCYGVSPTKLNDLCFTNVYADSFVIRGDEVRQIAP
GQTGKIADYNYKLPDDFTGCVIAWNSNNLDSKVGGNYNYLYRLFRKSNLKPFERDISTEIYQAGSTPCNGVEGFNCYFPL
QSYGFQPTNGVGYQPYRVVVLSFELLHAPATVCGPKGSHHHHHH
;
R
2 'polypeptide(L)'
;QVQLVESGGGVVQPGRSLRLSCAASGFTFSSYGMHWVRQAPGKGLEWVAVIWYDGSDKYYADSVKGRFTISRDNSKNTLY
LQINSLRAEDTAMYYCAREATAGFDYWGQGNLVTVSSASTKGPSVFPLAPSSKSTSGGTAALGCLVKDYFPEPVTVSWNS
GALTSGVHTFPAVLQSSGLYSLSSVVTVPSSSLGTQTYICNVNHKPSNTKVDKKVEPKSCGSHHHHHH
;
H
3 'polypeptide(L)'
;NIQMTQSPSAMSASVGDRVTITCRARQDISSYLAWFQQKPGKVPKHLIYAASTLLSGVPSRFSGSGSGTEFTLTISSLQP
EDFATYYCLQHNSYPYTFGQGTKLEINRTVAAPSVFIFPPSDEQLKSGTASVVCLLNNFYPREAKVQWKVDNALQSGNSQ
ESVTEQDSKDSTYSLSSTLTLSKADYEKHKVYACEVTHQGLSSPVTKSFNRGECS
;
L
4 'polypeptide(L)'
;QVQLVQSGAEVKKPGASVKVSCKASGYTFSSYDINWVRQAPGQGLEWMGWMSPNSGNTGYAQKFQGRVTMTRSTSMSTAY
MELSSLRSEDTAVYFCARMSSSLTNYLDYWGQGTLVTVSSASTKGPSVFPLAPSSKSTSGGTAALGCLVKDYFPEPVTVS
WNSGALTSGVHTFPAVLQSSGLYSLSSVVTVPSSSLGTQTYICNVNHKPSNTKVDKKVEPKSCGSHHHHHH
;
A
5 'polypeptide(L)'
;SYVLTQPPSVAVAPGQTARIRCGENDIGSKNVHWYQQKSGQAPVLVVYDDSDRPSGIPERFSGSNSGNTATLTISRVEAG
DEADYYCQVWDSTGDHPDVVFGGGTKLTVLGQPKAAPSVTLFPPSSEELQANKATLVCLISDFYPGAVTVAWKADSSPVK
AGVETTTPSKQSNNKYAASSYLSLTPEQWKSHRSYSCQVTHEGSTVEKTVAPTEC
;
B
#
# COMPACT_ATOMS: atom_id res chain seq x y z
N THR A 1 -2.20 6.18 -49.27
CA THR A 1 -3.43 6.84 -48.87
C THR A 1 -3.23 7.60 -47.57
N ASN A 2 -3.70 7.02 -46.47
CA ASN A 2 -3.43 7.58 -45.15
C ASN A 2 -2.01 7.22 -44.73
N LEU A 3 -1.33 8.17 -44.11
CA LEU A 3 0.04 7.98 -43.66
C LEU A 3 0.03 7.43 -42.25
N CYS A 4 0.75 6.34 -42.03
CA CYS A 4 0.84 5.79 -40.69
C CYS A 4 1.64 6.74 -39.81
N PRO A 5 1.07 7.25 -38.72
CA PRO A 5 1.69 8.32 -37.94
C PRO A 5 2.82 7.80 -37.04
N PHE A 6 3.87 7.27 -37.67
CA PHE A 6 5.01 6.79 -36.89
C PHE A 6 5.79 7.95 -36.29
N GLY A 7 5.82 9.10 -36.96
CA GLY A 7 6.54 10.24 -36.43
C GLY A 7 5.95 10.73 -35.11
N GLU A 8 4.63 10.67 -34.97
CA GLU A 8 4.01 11.08 -33.73
C GLU A 8 4.29 10.12 -32.59
N VAL A 9 4.67 8.87 -32.90
CA VAL A 9 5.05 7.93 -31.85
C VAL A 9 6.51 8.14 -31.46
N PHE A 10 7.38 8.28 -32.45
CA PHE A 10 8.80 8.36 -32.14
C PHE A 10 9.17 9.73 -31.62
N ASN A 11 8.59 10.78 -32.16
CA ASN A 11 9.10 12.10 -31.85
C ASN A 11 8.23 12.86 -30.89
N ALA A 12 7.38 12.09 -30.19
CA ALA A 12 6.66 12.58 -29.04
C ALA A 12 7.62 13.21 -28.07
N THR A 13 7.22 14.36 -27.51
CA THR A 13 8.06 15.09 -26.57
C THR A 13 8.29 14.30 -25.29
N ARG A 14 7.23 13.81 -24.67
CA ARG A 14 7.34 13.03 -23.46
C ARG A 14 7.01 11.55 -23.74
N PHE A 15 7.69 10.67 -23.03
CA PHE A 15 7.44 9.24 -23.06
C PHE A 15 6.95 8.80 -21.68
N ALA A 16 6.22 7.70 -21.66
CA ALA A 16 5.72 7.16 -20.40
C ALA A 16 6.81 6.37 -19.68
N SER A 17 6.62 6.21 -18.37
CA SER A 17 7.46 5.27 -17.64
C SER A 17 7.09 3.85 -18.02
N VAL A 18 8.07 2.95 -17.89
CA VAL A 18 7.88 1.59 -18.41
C VAL A 18 6.75 0.88 -17.67
N TYR A 19 6.59 1.15 -16.38
CA TYR A 19 5.51 0.49 -15.64
C TYR A 19 4.15 0.85 -16.21
N ALA A 20 3.96 2.11 -16.60
CA ALA A 20 2.73 2.52 -17.25
C ALA A 20 2.97 2.85 -18.71
N TRP A 21 3.53 1.90 -19.46
CA TRP A 21 3.88 2.15 -20.85
C TRP A 21 2.62 2.49 -21.67
N ASN A 22 2.85 3.27 -22.72
CA ASN A 22 1.78 3.70 -23.61
C ASN A 22 1.68 2.77 -24.82
N ARG A 23 0.45 2.50 -25.26
CA ARG A 23 0.21 1.73 -26.47
C ARG A 23 -0.66 2.54 -27.39
N LYS A 24 -0.16 2.82 -28.60
CA LYS A 24 -0.94 3.49 -29.64
C LYS A 24 -1.20 2.49 -30.75
N ARG A 25 -2.48 2.21 -31.01
CA ARG A 25 -2.84 1.32 -32.10
C ARG A 25 -2.83 2.11 -33.40
N ILE A 26 -2.18 1.57 -34.42
CA ILE A 26 -2.09 2.20 -35.72
C ILE A 26 -2.95 1.41 -36.70
N SER A 27 -3.81 2.10 -37.45
CA SER A 27 -4.75 1.39 -38.31
C SER A 27 -5.23 2.30 -39.42
N ASN A 28 -5.51 1.68 -40.58
CA ASN A 28 -6.01 2.35 -41.78
C ASN A 28 -5.02 3.41 -42.27
N CYS A 29 -3.87 2.93 -42.71
CA CYS A 29 -2.83 3.79 -43.25
C CYS A 29 -1.79 2.96 -43.99
N VAL A 30 -0.96 3.64 -44.76
CA VAL A 30 0.09 3.04 -45.58
C VAL A 30 1.41 3.39 -44.91
N ALA A 31 2.01 2.42 -44.22
CA ALA A 31 3.23 2.66 -43.47
C ALA A 31 4.45 2.52 -44.36
N ASP A 32 5.37 3.47 -44.22
CA ASP A 32 6.67 3.41 -44.88
C ASP A 32 7.70 3.11 -43.79
N TYR A 33 8.10 1.83 -43.69
CA TYR A 33 8.91 1.39 -42.55
C TYR A 33 10.39 1.70 -42.73
N SER A 34 10.86 1.78 -43.97
CA SER A 34 12.27 2.08 -44.20
C SER A 34 12.66 3.46 -43.70
N VAL A 35 11.67 4.35 -43.53
CA VAL A 35 11.92 5.63 -42.86
C VAL A 35 12.68 5.42 -41.56
N LEU A 36 12.40 4.32 -40.86
CA LEU A 36 13.12 4.00 -39.64
C LEU A 36 14.41 3.24 -39.94
N TYR A 37 14.31 2.17 -40.73
CA TYR A 37 15.48 1.33 -41.00
C TYR A 37 16.54 2.08 -41.78
N ASN A 38 16.15 2.76 -42.86
CA ASN A 38 17.11 3.49 -43.71
C ASN A 38 17.70 4.74 -43.05
N SER A 39 17.43 5.03 -41.78
CA SER A 39 17.97 6.20 -41.08
C SER A 39 18.22 5.77 -39.64
N ALA A 40 19.47 5.42 -39.33
CA ALA A 40 19.77 4.80 -38.04
C ALA A 40 20.34 5.83 -37.06
N SER A 41 19.43 6.62 -36.49
CA SER A 41 19.69 7.33 -35.24
C SER A 41 19.28 6.49 -34.04
N PHE A 42 19.03 5.19 -34.23
CA PHE A 42 18.64 4.28 -33.17
C PHE A 42 19.82 3.41 -32.76
N SER A 43 19.90 3.09 -31.48
CA SER A 43 20.98 2.22 -31.02
C SER A 43 20.64 0.75 -31.23
N THR A 44 19.36 0.37 -31.13
CA THR A 44 18.95 -1.00 -31.41
C THR A 44 17.76 -0.99 -32.35
N PHE A 45 17.76 -1.94 -33.30
CA PHE A 45 16.67 -2.16 -34.25
C PHE A 45 16.61 -3.66 -34.50
N LYS A 46 16.00 -4.38 -33.57
CA LYS A 46 15.90 -5.84 -33.63
C LYS A 46 14.46 -6.22 -33.94
N CYS A 47 14.26 -6.95 -35.03
CA CYS A 47 12.95 -7.43 -35.43
C CYS A 47 12.86 -8.93 -35.18
N TYR A 48 11.63 -9.39 -34.93
CA TYR A 48 11.36 -10.80 -34.64
C TYR A 48 10.15 -11.24 -35.45
N GLY A 49 10.29 -12.36 -36.16
CA GLY A 49 9.21 -12.89 -36.97
C GLY A 49 9.09 -12.31 -38.36
N VAL A 50 9.78 -11.21 -38.64
CA VAL A 50 9.78 -10.60 -39.97
C VAL A 50 11.19 -10.09 -40.26
N SER A 51 11.53 -10.02 -41.54
CA SER A 51 12.81 -9.37 -41.76
C SER A 51 12.59 -7.88 -42.01
N PRO A 52 13.48 -7.02 -41.49
CA PRO A 52 13.24 -5.57 -41.60
C PRO A 52 13.12 -5.08 -43.03
N THR A 53 13.87 -5.68 -43.97
CA THR A 53 13.82 -5.26 -45.36
C THR A 53 12.42 -5.44 -45.95
N LYS A 54 11.80 -6.59 -45.71
CA LYS A 54 10.53 -6.94 -46.31
C LYS A 54 9.32 -6.30 -45.60
N LEU A 55 9.53 -5.31 -44.73
CA LEU A 55 8.39 -4.73 -44.01
C LEU A 55 7.50 -3.89 -44.93
N ASN A 56 8.06 -3.28 -45.96
CA ASN A 56 7.28 -2.46 -46.86
C ASN A 56 6.44 -3.27 -47.84
N ASP A 57 6.64 -4.59 -47.90
CA ASP A 57 5.91 -5.44 -48.84
C ASP A 57 4.80 -6.22 -48.17
N LEU A 58 4.75 -6.26 -46.84
CA LEU A 58 3.77 -7.06 -46.13
C LEU A 58 2.59 -6.20 -45.67
N CYS A 59 1.47 -6.87 -45.43
CA CYS A 59 0.29 -6.26 -44.84
C CYS A 59 -0.03 -6.97 -43.53
N PHE A 60 -0.64 -6.23 -42.61
CA PHE A 60 -0.99 -6.78 -41.31
C PHE A 60 -2.36 -6.25 -40.89
N THR A 61 -2.99 -7.00 -39.98
CA THR A 61 -4.33 -6.63 -39.52
C THR A 61 -4.30 -5.35 -38.71
N ASN A 62 -3.34 -5.22 -37.80
CA ASN A 62 -3.19 -4.03 -36.98
C ASN A 62 -1.74 -3.86 -36.60
N VAL A 63 -1.40 -2.65 -36.18
CA VAL A 63 -0.07 -2.35 -35.63
C VAL A 63 -0.28 -1.67 -34.30
N TYR A 64 0.56 -2.03 -33.32
CA TYR A 64 0.57 -1.40 -32.00
C TYR A 64 1.95 -0.83 -31.76
N ALA A 65 2.01 0.42 -31.35
CA ALA A 65 3.28 1.09 -31.03
C ALA A 65 3.30 1.32 -29.52
N ASP A 66 4.03 0.48 -28.81
CA ASP A 66 4.24 0.66 -27.37
C ASP A 66 5.52 1.46 -27.15
N SER A 67 5.44 2.47 -26.30
CA SER A 67 6.59 3.33 -26.02
C SER A 67 6.75 3.51 -24.51
N PHE A 68 8.00 3.64 -24.09
CA PHE A 68 8.36 3.78 -22.68
C PHE A 68 9.84 4.12 -22.60
N VAL A 69 10.33 4.30 -21.37
CA VAL A 69 11.70 4.70 -21.09
C VAL A 69 12.31 3.70 -20.11
N ILE A 70 13.51 3.21 -20.42
CA ILE A 70 14.28 2.38 -19.51
C ILE A 70 15.73 2.84 -19.56
N ARG A 71 16.64 2.07 -18.95
CA ARG A 71 18.05 2.37 -19.02
C ARG A 71 18.77 1.36 -19.91
N GLY A 72 19.97 1.76 -20.37
CA GLY A 72 20.61 1.07 -21.49
C GLY A 72 20.75 -0.43 -21.28
N ASP A 73 21.26 -0.83 -20.12
CA ASP A 73 21.52 -2.26 -19.87
C ASP A 73 20.24 -3.06 -19.66
N GLU A 74 19.08 -2.45 -19.84
CA GLU A 74 17.80 -3.13 -19.77
C GLU A 74 17.17 -3.35 -21.14
N VAL A 75 17.66 -2.69 -22.18
CA VAL A 75 17.11 -2.88 -23.53
C VAL A 75 17.19 -4.35 -23.93
N ARG A 76 18.19 -5.08 -23.42
CA ARG A 76 18.30 -6.51 -23.70
C ARG A 76 17.06 -7.27 -23.25
N GLN A 77 16.37 -6.77 -22.22
CA GLN A 77 15.19 -7.47 -21.72
C GLN A 77 13.98 -7.30 -22.61
N ILE A 78 14.00 -6.37 -23.56
CA ILE A 78 12.87 -6.20 -24.47
C ILE A 78 13.05 -7.16 -25.64
N ALA A 79 12.90 -8.45 -25.37
CA ALA A 79 13.03 -9.50 -26.36
C ALA A 79 12.24 -10.71 -25.89
N PRO A 80 11.85 -11.61 -26.79
CA PRO A 80 11.11 -12.79 -26.36
C PRO A 80 11.98 -13.69 -25.49
N GLY A 81 11.38 -14.22 -24.42
CA GLY A 81 12.08 -15.14 -23.54
C GLY A 81 13.13 -14.52 -22.66
N GLN A 82 13.00 -13.24 -22.30
CA GLN A 82 13.94 -12.60 -21.40
C GLN A 82 13.43 -12.68 -19.96
N THR A 83 14.36 -12.54 -19.01
CA THR A 83 14.00 -12.48 -17.60
C THR A 83 14.69 -11.29 -16.95
N GLY A 84 14.08 -10.73 -15.92
CA GLY A 84 14.59 -9.55 -15.25
C GLY A 84 13.45 -8.73 -14.70
N LYS A 85 13.82 -7.66 -13.98
CA LYS A 85 12.80 -6.80 -13.36
C LYS A 85 11.86 -6.20 -14.40
N ILE A 86 12.38 -5.86 -15.58
CA ILE A 86 11.55 -5.27 -16.61
C ILE A 86 10.68 -6.33 -17.28
N ALA A 87 11.29 -7.43 -17.72
CA ALA A 87 10.53 -8.43 -18.46
C ALA A 87 9.52 -9.17 -17.57
N ASP A 88 9.79 -9.25 -16.27
CA ASP A 88 8.91 -9.98 -15.36
C ASP A 88 7.82 -9.10 -14.77
N TYR A 89 8.12 -7.84 -14.47
CA TYR A 89 7.19 -6.99 -13.74
C TYR A 89 6.72 -5.75 -14.49
N ASN A 90 7.25 -5.46 -15.68
CA ASN A 90 6.95 -4.20 -16.33
C ASN A 90 6.44 -4.34 -17.76
N TYR A 91 7.25 -4.92 -18.65
CA TYR A 91 6.88 -5.10 -20.05
C TYR A 91 7.37 -6.46 -20.52
N LYS A 92 6.44 -7.37 -20.79
CA LYS A 92 6.75 -8.73 -21.22
C LYS A 92 6.32 -8.92 -22.67
N LEU A 93 7.26 -9.42 -23.49
CA LEU A 93 7.01 -9.80 -24.88
C LEU A 93 6.69 -11.29 -24.97
N PRO A 94 5.83 -11.72 -25.88
CA PRO A 94 5.46 -13.15 -25.96
C PRO A 94 6.53 -13.95 -26.69
N ASP A 95 6.38 -15.28 -26.62
CA ASP A 95 7.31 -16.15 -27.33
C ASP A 95 7.11 -16.08 -28.84
N ASP A 96 5.87 -15.89 -29.30
CA ASP A 96 5.57 -15.81 -30.72
C ASP A 96 5.51 -14.37 -31.22
N PHE A 97 6.35 -13.51 -30.64
CA PHE A 97 6.31 -12.08 -30.94
C PHE A 97 6.66 -11.81 -32.40
N THR A 98 5.79 -11.08 -33.10
CA THR A 98 6.05 -10.61 -34.46
C THR A 98 6.11 -9.08 -34.42
N GLY A 99 7.30 -8.53 -34.62
CA GLY A 99 7.46 -7.08 -34.63
C GLY A 99 8.92 -6.69 -34.50
N CYS A 100 9.13 -5.43 -34.11
CA CYS A 100 10.49 -4.91 -33.98
C CYS A 100 10.60 -4.10 -32.70
N VAL A 101 11.73 -4.26 -32.01
CA VAL A 101 12.08 -3.45 -30.84
C VAL A 101 13.07 -2.39 -31.29
N ILE A 102 12.68 -1.12 -31.15
CA ILE A 102 13.50 0.02 -31.54
C ILE A 102 13.83 0.83 -30.28
N ALA A 103 15.10 1.17 -30.11
CA ALA A 103 15.53 1.97 -28.98
C ALA A 103 16.59 2.97 -29.42
N TRP A 104 16.72 4.05 -28.65
CA TRP A 104 17.75 5.05 -28.87
C TRP A 104 18.03 5.77 -27.57
N ASN A 105 19.27 6.24 -27.43
CA ASN A 105 19.71 6.92 -26.22
C ASN A 105 19.06 8.29 -26.11
N SER A 106 18.46 8.57 -24.95
CA SER A 106 17.74 9.83 -24.73
C SER A 106 18.33 10.62 -23.57
N ASN A 107 19.64 10.44 -23.31
CA ASN A 107 20.30 11.12 -22.20
C ASN A 107 20.10 12.63 -22.28
N ASN A 108 20.11 13.19 -23.49
CA ASN A 108 19.97 14.63 -23.65
C ASN A 108 18.56 15.12 -23.32
N LEU A 109 17.58 14.23 -23.27
CA LEU A 109 16.19 14.61 -23.02
C LEU A 109 15.70 14.23 -21.63
N ASP A 110 16.10 13.08 -21.13
CA ASP A 110 15.49 12.51 -19.93
C ASP A 110 16.39 12.54 -18.70
N SER A 111 17.62 13.02 -18.83
CA SER A 111 18.49 13.22 -17.68
C SER A 111 18.69 14.72 -17.45
N LYS A 112 18.87 15.08 -16.18
CA LYS A 112 19.08 16.46 -15.77
C LYS A 112 20.07 16.48 -14.62
N VAL A 113 20.79 17.58 -14.49
CA VAL A 113 21.71 17.70 -13.36
C VAL A 113 20.90 17.79 -12.08
N GLY A 114 21.37 17.11 -11.04
CA GLY A 114 20.61 16.88 -9.84
C GLY A 114 19.76 15.63 -9.87
N GLY A 115 19.55 15.05 -11.05
CA GLY A 115 18.81 13.81 -11.19
C GLY A 115 17.39 13.98 -11.65
N ASN A 116 16.98 13.21 -12.66
CA ASN A 116 15.58 13.13 -13.09
C ASN A 116 15.00 11.86 -12.48
N TYR A 117 14.23 12.03 -11.40
CA TYR A 117 13.59 10.91 -10.72
C TYR A 117 12.13 10.76 -11.11
N ASN A 118 11.74 11.26 -12.28
CA ASN A 118 10.36 11.16 -12.72
C ASN A 118 10.01 9.77 -13.24
N TYR A 119 10.95 9.07 -13.87
CA TYR A 119 10.66 7.79 -14.47
C TYR A 119 10.69 6.68 -13.44
N LEU A 120 9.68 5.80 -13.48
CA LEU A 120 9.51 4.73 -12.52
C LEU A 120 9.52 3.37 -13.20
N TYR A 121 9.91 2.36 -12.43
CA TYR A 121 9.75 0.97 -12.83
C TYR A 121 9.28 0.18 -11.61
N ARG A 122 8.60 -0.93 -11.86
CA ARG A 122 8.06 -1.74 -10.79
C ARG A 122 9.12 -2.71 -10.27
N LEU A 123 9.21 -2.80 -8.94
CA LEU A 123 10.28 -3.56 -8.30
C LEU A 123 9.87 -4.99 -7.96
N PHE A 124 8.62 -5.22 -7.58
CA PHE A 124 8.15 -6.55 -7.21
C PHE A 124 6.79 -6.81 -7.82
N ARG A 125 6.38 -8.08 -7.76
CA ARG A 125 5.03 -8.48 -8.08
C ARG A 125 4.81 -9.90 -7.59
N LYS A 126 3.55 -10.24 -7.30
CA LYS A 126 3.22 -11.59 -6.85
C LYS A 126 3.49 -12.61 -7.96
N SER A 127 3.11 -12.28 -9.19
CA SER A 127 3.35 -13.13 -10.34
C SER A 127 3.98 -12.30 -11.44
N ASN A 128 4.66 -12.97 -12.36
CA ASN A 128 5.23 -12.29 -13.50
C ASN A 128 4.14 -11.87 -14.49
N LEU A 129 4.40 -10.75 -15.17
CA LEU A 129 3.43 -10.24 -16.13
C LEU A 129 3.27 -11.20 -17.30
N LYS A 130 2.02 -11.43 -17.69
CA LYS A 130 1.75 -12.13 -18.92
C LYS A 130 2.11 -11.21 -20.10
N PRO A 131 2.33 -11.76 -21.28
CA PRO A 131 2.72 -10.93 -22.43
C PRO A 131 1.71 -9.81 -22.70
N PHE A 132 2.24 -8.60 -22.90
CA PHE A 132 1.45 -7.42 -23.27
C PHE A 132 0.44 -7.03 -22.19
N GLU A 133 0.72 -7.43 -20.95
CA GLU A 133 -0.06 -7.00 -19.79
C GLU A 133 0.58 -5.74 -19.21
N ARG A 134 -0.22 -4.96 -18.51
CA ARG A 134 0.25 -3.71 -17.91
C ARG A 134 -0.27 -3.59 -16.49
N ASP A 135 0.63 -3.25 -15.56
CA ASP A 135 0.28 -3.09 -14.15
C ASP A 135 0.63 -1.67 -13.74
N ILE A 136 -0.39 -0.90 -13.34
CA ILE A 136 -0.17 0.47 -12.89
C ILE A 136 -0.62 0.65 -11.45
N SER A 137 -0.76 -0.43 -10.70
CA SER A 137 -1.20 -0.36 -9.32
C SER A 137 -0.04 0.04 -8.40
N THR A 138 -0.40 0.58 -7.23
CA THR A 138 0.57 1.10 -6.28
C THR A 138 0.34 0.56 -4.87
N GLU A 139 -0.15 -0.68 -4.78
CA GLU A 139 -0.34 -1.34 -3.50
C GLU A 139 1.02 -1.67 -2.88
N ILE A 140 1.13 -1.46 -1.56
CA ILE A 140 2.36 -1.80 -0.85
C ILE A 140 2.59 -3.30 -0.97
N TYR A 141 3.80 -3.68 -1.43
CA TYR A 141 4.09 -5.07 -1.68
C TYR A 141 4.43 -5.79 -0.38
N GLN A 142 3.77 -6.92 -0.16
CA GLN A 142 3.99 -7.74 1.05
C GLN A 142 5.01 -8.82 0.72
N ALA A 143 6.27 -8.55 1.03
CA ALA A 143 7.34 -9.51 0.81
C ALA A 143 7.50 -10.50 1.97
N GLY A 144 6.80 -10.27 3.08
CA GLY A 144 6.97 -11.10 4.26
C GLY A 144 5.70 -11.79 4.72
N SER A 145 5.72 -12.30 5.94
CA SER A 145 4.63 -13.10 6.49
C SER A 145 3.60 -12.26 7.24
N THR A 146 3.62 -10.95 7.08
CA THR A 146 2.74 -10.06 7.83
C THR A 146 2.09 -9.05 6.87
N PRO A 147 0.78 -8.83 6.97
CA PRO A 147 0.13 -7.87 6.06
C PRO A 147 0.60 -6.46 6.30
N CYS A 148 0.72 -5.70 5.19
CA CYS A 148 1.26 -4.35 5.28
C CYS A 148 0.20 -3.33 5.69
N ASN A 149 -1.00 -3.43 5.11
CA ASN A 149 -2.11 -2.54 5.45
C ASN A 149 -1.78 -1.07 5.19
N GLY A 150 -0.97 -0.82 4.16
CA GLY A 150 -0.71 0.52 3.69
C GLY A 150 0.54 1.19 4.23
N VAL A 151 1.13 0.66 5.31
CA VAL A 151 2.33 1.24 5.89
C VAL A 151 3.55 0.49 5.38
N GLU A 152 4.54 1.24 4.90
CA GLU A 152 5.81 0.68 4.48
C GLU A 152 6.66 0.29 5.70
N GLY A 153 7.54 -0.68 5.50
CA GLY A 153 8.43 -1.10 6.58
C GLY A 153 9.22 -2.36 6.27
N PHE A 154 9.37 -3.22 7.26
CA PHE A 154 10.10 -4.46 7.07
C PHE A 154 9.30 -5.40 6.19
N ASN A 155 9.84 -5.74 5.02
CA ASN A 155 9.19 -6.62 4.06
C ASN A 155 7.85 -6.06 3.60
N CYS A 156 7.76 -4.73 3.52
CA CYS A 156 6.57 -4.02 3.06
C CYS A 156 7.06 -2.80 2.28
N TYR A 157 7.15 -2.94 0.96
CA TYR A 157 7.83 -1.99 0.11
C TYR A 157 6.86 -1.34 -0.88
N PHE A 158 7.07 -0.06 -1.15
CA PHE A 158 6.37 0.58 -2.24
C PHE A 158 6.79 -0.07 -3.55
N PRO A 159 5.85 -0.47 -4.41
CA PRO A 159 6.19 -1.37 -5.52
C PRO A 159 7.01 -0.70 -6.62
N LEU A 160 6.91 0.61 -6.78
CA LEU A 160 7.63 1.28 -7.86
C LEU A 160 8.86 2.01 -7.34
N GLN A 161 9.88 2.10 -8.19
CA GLN A 161 11.16 2.70 -7.85
C GLN A 161 11.54 3.70 -8.94
N SER A 162 12.18 4.79 -8.53
CA SER A 162 12.60 5.77 -9.52
C SER A 162 13.94 5.36 -10.13
N TYR A 163 14.23 5.92 -11.30
CA TYR A 163 15.43 5.56 -12.03
C TYR A 163 16.65 6.38 -11.61
N GLY A 164 16.50 7.69 -11.51
CA GLY A 164 17.63 8.53 -11.15
C GLY A 164 18.61 8.71 -12.30
N PHE A 165 18.17 9.40 -13.33
CA PHE A 165 18.99 9.65 -14.50
C PHE A 165 19.78 10.94 -14.29
N GLN A 166 21.11 10.83 -14.26
CA GLN A 166 21.96 11.99 -14.26
C GLN A 166 22.85 11.96 -15.49
N PRO A 167 23.14 13.11 -16.10
CA PRO A 167 23.90 13.12 -17.36
C PRO A 167 25.26 12.46 -17.26
N THR A 168 25.85 12.42 -16.06
CA THR A 168 27.17 11.83 -15.86
C THR A 168 27.15 10.31 -15.75
N ASN A 169 25.97 9.69 -15.72
CA ASN A 169 25.89 8.26 -15.54
C ASN A 169 26.55 7.51 -16.69
N GLY A 170 27.03 6.30 -16.40
CA GLY A 170 27.52 5.45 -17.44
C GLY A 170 26.44 5.13 -18.48
N VAL A 171 26.89 4.80 -19.69
CA VAL A 171 25.96 4.60 -20.79
C VAL A 171 24.97 3.49 -20.47
N GLY A 172 25.37 2.50 -19.68
CA GLY A 172 24.46 1.45 -19.27
C GLY A 172 23.39 1.91 -18.30
N TYR A 173 23.57 3.08 -17.68
CA TYR A 173 22.61 3.62 -16.73
C TYR A 173 21.92 4.87 -17.25
N GLN A 174 22.16 5.24 -18.50
CA GLN A 174 21.52 6.40 -19.09
C GLN A 174 20.11 6.04 -19.54
N PRO A 175 19.24 7.02 -19.74
CA PRO A 175 17.89 6.74 -20.22
C PRO A 175 17.87 6.42 -21.72
N TYR A 176 16.98 5.50 -22.08
CA TYR A 176 16.79 5.10 -23.47
C TYR A 176 15.29 5.10 -23.78
N ARG A 177 14.90 5.80 -24.84
CA ARG A 177 13.52 5.72 -25.31
C ARG A 177 13.35 4.47 -26.17
N VAL A 178 12.24 3.76 -25.97
CA VAL A 178 12.01 2.48 -26.63
C VAL A 178 10.64 2.50 -27.30
N VAL A 179 10.60 2.12 -28.57
CA VAL A 179 9.35 1.93 -29.29
C VAL A 179 9.30 0.47 -29.74
N VAL A 180 8.28 -0.25 -29.31
CA VAL A 180 8.05 -1.62 -29.73
C VAL A 180 6.88 -1.63 -30.71
N LEU A 181 7.09 -2.20 -31.89
CA LEU A 181 6.08 -2.27 -32.94
C LEU A 181 5.59 -3.72 -33.04
N SER A 182 4.33 -3.93 -32.70
N SER A 182 4.33 -3.94 -32.68
CA SER A 182 3.71 -5.26 -32.74
CA SER A 182 3.71 -5.26 -32.74
C SER A 182 2.80 -5.34 -33.96
C SER A 182 2.81 -5.33 -33.97
N PHE A 183 3.01 -6.34 -34.81
CA PHE A 183 2.21 -6.54 -36.01
C PHE A 183 1.22 -7.67 -35.77
N GLU A 184 -0.06 -7.33 -35.75
CA GLU A 184 -1.14 -8.32 -35.64
C GLU A 184 -1.50 -8.81 -37.04
N LEU A 185 -1.52 -10.13 -37.21
CA LEU A 185 -1.74 -10.75 -38.51
C LEU A 185 -3.05 -11.54 -38.52
N LEU A 186 -3.52 -11.82 -39.73
CA LEU A 186 -4.69 -12.66 -39.94
C LEU A 186 -4.72 -13.15 -41.39
N ALA A 190 -6.49 -5.97 -44.64
CA ALA A 190 -5.14 -5.44 -44.74
C ALA A 190 -5.16 -3.96 -44.40
N THR A 191 -5.42 -3.71 -43.13
CA THR A 191 -5.65 -2.37 -42.64
C THR A 191 -4.37 -1.55 -42.56
N VAL A 192 -3.23 -2.14 -42.21
CA VAL A 192 -1.93 -1.45 -42.23
C VAL A 192 -1.02 -2.15 -43.24
N CYS A 193 -0.61 -1.42 -44.27
CA CYS A 193 0.22 -1.99 -45.33
C CYS A 193 1.41 -1.09 -45.62
N GLY A 194 2.44 -1.68 -46.24
CA GLY A 194 3.55 -0.93 -46.74
C GLY A 194 3.18 -0.17 -48.00
N PRO A 195 4.14 0.60 -48.51
CA PRO A 195 3.89 1.35 -49.76
C PRO A 195 3.66 0.45 -50.96
N LYS A 196 3.91 -0.85 -50.84
CA LYS A 196 3.75 -1.77 -51.96
C LYS A 196 2.78 -2.90 -51.60
N GLN B 1 3.58 -3.73 27.29
CA GLN B 1 2.43 -4.61 27.45
C GLN B 1 2.40 -5.70 26.38
N VAL B 2 3.05 -5.42 25.24
CA VAL B 2 3.22 -6.44 24.22
C VAL B 2 4.21 -7.49 24.70
N GLN B 3 3.82 -8.76 24.63
CA GLN B 3 4.55 -9.81 25.32
C GLN B 3 4.52 -11.11 24.53
N LEU B 4 5.64 -11.84 24.62
CA LEU B 4 5.76 -13.19 24.07
C LEU B 4 6.41 -14.05 25.15
N VAL B 5 5.63 -14.93 25.77
CA VAL B 5 6.10 -15.78 26.86
C VAL B 5 6.06 -17.23 26.38
N GLU B 6 7.17 -17.93 26.56
CA GLU B 6 7.34 -19.28 26.06
C GLU B 6 7.21 -20.31 27.19
N SER B 7 6.93 -21.54 26.79
CA SER B 7 6.85 -22.66 27.72
C SER B 7 7.03 -23.95 26.93
N GLY B 8 7.15 -25.05 27.68
CA GLY B 8 7.22 -26.37 27.11
C GLY B 8 8.63 -26.95 27.02
N GLY B 9 9.64 -26.10 26.97
CA GLY B 9 11.00 -26.60 26.85
C GLY B 9 11.44 -27.38 28.07
N GLY B 10 12.51 -28.15 27.88
CA GLY B 10 13.04 -28.98 28.94
C GLY B 10 13.91 -30.10 28.42
N VAL B 11 13.84 -31.27 29.06
CA VAL B 11 14.67 -32.40 28.68
C VAL B 11 13.81 -33.43 27.94
N VAL B 12 14.33 -33.90 26.81
CA VAL B 12 13.71 -34.96 26.04
C VAL B 12 14.79 -35.93 25.61
N GLN B 13 14.41 -37.16 25.40
CA GLN B 13 15.42 -38.13 25.00
C GLN B 13 15.52 -38.21 23.48
N PRO B 14 16.66 -38.66 22.96
CA PRO B 14 16.83 -38.73 21.50
C PRO B 14 15.72 -39.54 20.85
N GLY B 15 15.22 -39.03 19.72
CA GLY B 15 14.15 -39.66 18.98
C GLY B 15 12.76 -39.21 19.37
N ARG B 16 12.55 -38.82 20.63
CA ARG B 16 11.21 -38.48 21.11
C ARG B 16 10.81 -37.10 20.60
N SER B 17 9.69 -36.59 21.10
CA SER B 17 9.08 -35.36 20.60
C SER B 17 8.85 -34.36 21.73
N LEU B 18 8.67 -33.11 21.34
CA LEU B 18 8.44 -32.01 22.27
C LEU B 18 7.70 -30.90 21.55
N ARG B 19 6.71 -30.31 22.21
CA ARG B 19 5.93 -29.22 21.66
C ARG B 19 6.25 -27.94 22.43
N LEU B 20 6.81 -26.96 21.73
CA LEU B 20 7.16 -25.67 22.32
C LEU B 20 6.06 -24.67 22.05
N SER B 21 5.75 -23.85 23.06
CA SER B 21 4.69 -22.86 22.97
C SER B 21 5.25 -21.44 23.08
N CYS B 22 4.50 -20.48 22.55
CA CYS B 22 4.88 -19.07 22.59
C CYS B 22 3.58 -18.27 22.68
N ALA B 23 3.18 -17.96 23.92
CA ALA B 23 1.91 -17.28 24.16
C ALA B 23 2.08 -15.77 24.01
N ALA B 24 1.06 -15.12 23.44
CA ALA B 24 1.14 -13.71 23.07
C ALA B 24 0.08 -12.90 23.80
N SER B 25 0.38 -11.61 23.97
CA SER B 25 -0.56 -10.66 24.56
C SER B 25 -0.06 -9.25 24.26
N GLY B 26 -0.94 -8.28 24.48
CA GLY B 26 -0.57 -6.89 24.30
C GLY B 26 -0.53 -6.43 22.87
N PHE B 27 -1.01 -7.24 21.92
CA PHE B 27 -1.12 -6.87 20.52
C PHE B 27 -2.08 -7.85 19.85
N THR B 28 -2.43 -7.55 18.60
CA THR B 28 -3.34 -8.40 17.83
C THR B 28 -2.53 -9.51 17.19
N PHE B 29 -2.59 -10.70 17.79
CA PHE B 29 -1.75 -11.81 17.35
C PHE B 29 -1.98 -12.15 15.88
N SER B 30 -3.24 -12.23 15.47
CA SER B 30 -3.58 -12.63 14.10
C SER B 30 -3.09 -11.66 13.05
N SER B 31 -2.64 -10.47 13.44
CA SER B 31 -2.14 -9.49 12.48
C SER B 31 -0.67 -9.68 12.13
N TYR B 32 0.05 -10.57 12.82
CA TYR B 32 1.49 -10.61 12.72
C TYR B 32 1.99 -12.01 12.40
N GLY B 33 2.98 -12.10 11.49
CA GLY B 33 3.68 -13.34 11.26
C GLY B 33 4.67 -13.63 12.38
N MET B 34 5.03 -14.91 12.51
CA MET B 34 5.81 -15.36 13.65
C MET B 34 6.93 -16.28 13.18
N HIS B 35 8.10 -16.14 13.79
CA HIS B 35 9.28 -16.91 13.43
C HIS B 35 9.82 -17.64 14.65
N TRP B 36 10.58 -18.70 14.39
CA TRP B 36 11.35 -19.39 15.41
C TRP B 36 12.83 -19.27 15.08
N VAL B 37 13.63 -18.99 16.10
CA VAL B 37 15.08 -18.94 15.98
C VAL B 37 15.66 -19.71 17.16
N ARG B 38 16.81 -20.36 16.94
CA ARG B 38 17.44 -21.15 17.99
C ARG B 38 18.94 -20.91 17.99
N GLN B 39 19.58 -21.36 19.06
CA GLN B 39 21.02 -21.13 19.26
C GLN B 39 21.57 -22.27 20.11
N ALA B 40 22.42 -23.10 19.51
CA ALA B 40 23.12 -24.14 20.26
C ALA B 40 24.12 -23.50 21.23
N PRO B 41 24.45 -24.19 22.32
CA PRO B 41 25.36 -23.60 23.32
C PRO B 41 26.71 -23.23 22.71
N GLY B 42 27.04 -21.94 22.78
CA GLY B 42 28.29 -21.45 22.23
C GLY B 42 28.36 -21.40 20.73
N LYS B 43 27.25 -21.59 20.03
CA LYS B 43 27.20 -21.51 18.58
C LYS B 43 26.40 -20.28 18.16
N GLY B 44 26.29 -20.08 16.85
CA GLY B 44 25.64 -18.91 16.32
C GLY B 44 24.12 -19.04 16.26
N LEU B 45 23.49 -18.01 15.71
CA LEU B 45 22.05 -18.02 15.54
C LEU B 45 21.68 -18.82 14.30
N GLU B 46 20.58 -19.57 14.41
CA GLU B 46 20.05 -20.36 13.30
C GLU B 46 18.57 -20.06 13.16
N TRP B 47 18.19 -19.45 12.04
CA TRP B 47 16.79 -19.29 11.71
C TRP B 47 16.16 -20.67 11.50
N VAL B 48 14.98 -20.87 12.07
CA VAL B 48 14.32 -22.17 12.05
C VAL B 48 13.13 -22.19 11.10
N ALA B 49 12.13 -21.35 11.33
CA ALA B 49 10.89 -21.44 10.58
C ALA B 49 10.11 -20.13 10.71
N VAL B 50 9.08 -20.00 9.88
CA VAL B 50 8.19 -18.85 9.88
C VAL B 50 6.80 -19.35 9.51
N ILE B 51 5.77 -18.67 10.04
CA ILE B 51 4.38 -19.00 9.72
C ILE B 51 3.63 -17.70 9.44
N TRP B 52 2.79 -17.74 8.41
CA TRP B 52 2.03 -16.56 8.01
C TRP B 52 1.09 -16.14 9.13
N TYR B 53 0.59 -14.90 9.02
CA TYR B 53 -0.26 -14.36 10.07
C TYR B 53 -1.53 -15.19 10.29
N ASP B 54 -2.05 -15.82 9.23
CA ASP B 54 -3.34 -16.48 9.25
C ASP B 54 -3.23 -18.00 9.23
N GLY B 55 -2.16 -18.55 9.80
CA GLY B 55 -1.81 -19.91 9.48
C GLY B 55 -1.24 -19.92 8.08
N SER B 56 -1.82 -20.72 7.20
CA SER B 56 -1.55 -20.62 5.75
C SER B 56 -0.07 -20.87 5.49
N ASP B 57 0.62 -20.03 4.71
CA ASP B 57 1.96 -20.32 4.24
C ASP B 57 2.94 -20.51 5.40
N LYS B 58 3.75 -21.57 5.31
CA LYS B 58 4.80 -21.86 6.27
C LYS B 58 6.09 -22.19 5.54
N TYR B 59 7.22 -21.89 6.18
CA TYR B 59 8.53 -22.16 5.61
C TYR B 59 9.47 -22.62 6.71
N TYR B 60 10.47 -23.41 6.32
CA TYR B 60 11.39 -24.01 7.27
C TYR B 60 12.82 -23.85 6.77
N ALA B 61 13.77 -24.08 7.68
CA ALA B 61 15.17 -24.14 7.29
C ALA B 61 15.48 -25.50 6.70
N ASP B 62 16.62 -25.58 6.00
CA ASP B 62 16.95 -26.82 5.31
C ASP B 62 17.28 -27.94 6.30
N SER B 63 17.96 -27.61 7.39
CA SER B 63 18.33 -28.61 8.39
C SER B 63 17.20 -28.93 9.35
N VAL B 64 15.95 -28.67 8.96
CA VAL B 64 14.84 -28.77 9.91
C VAL B 64 13.58 -29.27 9.21
N LYS B 65 13.59 -29.22 7.87
CA LYS B 65 12.42 -29.65 7.11
C LYS B 65 12.09 -31.12 7.39
N GLY B 66 10.82 -31.41 7.57
CA GLY B 66 10.33 -32.75 7.77
C GLY B 66 10.21 -33.18 9.23
N ARG B 67 11.10 -32.70 10.10
CA ARG B 67 11.11 -33.12 11.49
C ARG B 67 10.37 -32.17 12.42
N PHE B 68 10.32 -30.88 12.11
CA PHE B 68 9.65 -29.89 12.94
C PHE B 68 8.44 -29.33 12.20
N THR B 69 7.40 -28.99 12.95
CA THR B 69 6.17 -28.44 12.39
C THR B 69 5.80 -27.17 13.14
N ILE B 70 5.74 -26.06 12.44
CA ILE B 70 5.27 -24.80 12.99
C ILE B 70 3.76 -24.73 12.84
N SER B 71 3.10 -24.12 13.83
CA SER B 71 1.66 -23.99 13.85
C SER B 71 1.31 -22.88 14.85
N ARG B 72 0.02 -22.54 14.89
CA ARG B 72 -0.43 -21.48 15.78
C ARG B 72 -1.94 -21.57 15.92
N ASP B 73 -2.43 -21.11 17.07
CA ASP B 73 -3.86 -21.00 17.36
C ASP B 73 -4.16 -19.53 17.60
N ASN B 74 -4.86 -18.89 16.66
CA ASN B 74 -5.12 -17.45 16.80
C ASN B 74 -6.15 -17.17 17.88
N SER B 75 -7.06 -18.11 18.15
CA SER B 75 -8.06 -17.88 19.18
C SER B 75 -7.44 -17.92 20.57
N LYS B 76 -6.43 -18.75 20.76
CA LYS B 76 -5.65 -18.78 21.99
C LYS B 76 -4.44 -17.86 21.93
N ASN B 77 -4.25 -17.12 20.84
CA ASN B 77 -3.13 -16.19 20.66
C ASN B 77 -1.80 -16.85 20.96
N THR B 78 -1.59 -18.04 20.39
CA THR B 78 -0.45 -18.87 20.75
C THR B 78 0.20 -19.45 19.50
N LEU B 79 1.53 -19.46 19.49
CA LEU B 79 2.34 -20.07 18.44
C LEU B 79 3.01 -21.33 18.98
N TYR B 80 3.14 -22.35 18.12
CA TYR B 80 3.71 -23.62 18.51
C TYR B 80 4.82 -24.04 17.56
N LEU B 81 5.74 -24.85 18.07
CA LEU B 81 6.74 -25.52 17.25
C LEU B 81 6.86 -26.96 17.75
N GLN B 82 6.39 -27.91 16.94
CA GLN B 82 6.49 -29.32 17.29
C GLN B 82 7.84 -29.85 16.83
N ILE B 83 8.44 -30.71 17.64
CA ILE B 83 9.83 -31.13 17.47
C ILE B 83 9.88 -32.64 17.49
N ASN B 84 10.42 -33.25 16.44
CA ASN B 84 10.46 -34.70 16.32
C ASN B 84 11.80 -35.15 15.75
N SER B 85 12.11 -36.43 15.98
CA SER B 85 13.37 -37.05 15.54
C SER B 85 14.56 -36.27 16.09
N LEU B 86 14.58 -36.14 17.41
CA LEU B 86 15.48 -35.19 18.06
C LEU B 86 16.89 -35.74 18.17
N ARG B 87 17.86 -34.94 17.74
CA ARG B 87 19.28 -35.26 17.78
C ARG B 87 20.02 -34.19 18.55
N ALA B 88 21.30 -34.47 18.86
CA ALA B 88 22.10 -33.56 19.67
C ALA B 88 22.26 -32.20 18.99
N GLU B 89 22.18 -32.16 17.67
CA GLU B 89 22.25 -30.88 16.95
C GLU B 89 21.10 -29.95 17.34
N ASP B 90 20.02 -30.50 17.88
CA ASP B 90 18.83 -29.72 18.21
C ASP B 90 18.82 -29.23 19.65
N THR B 91 19.85 -29.56 20.43
CA THR B 91 19.97 -29.03 21.79
C THR B 91 20.32 -27.55 21.69
N ALA B 92 19.38 -26.68 22.07
CA ALA B 92 19.54 -25.25 21.84
C ALA B 92 18.53 -24.49 22.68
N MET B 93 18.70 -23.17 22.72
CA MET B 93 17.72 -22.25 23.25
C MET B 93 16.84 -21.75 22.10
N TYR B 94 15.53 -21.93 22.22
CA TYR B 94 14.59 -21.60 21.16
C TYR B 94 13.85 -20.31 21.48
N TYR B 95 13.89 -19.37 20.54
CA TYR B 95 13.22 -18.08 20.67
C TYR B 95 12.13 -17.95 19.62
N CYS B 96 10.99 -17.41 20.01
CA CYS B 96 9.99 -16.94 19.05
C CYS B 96 10.12 -15.43 18.90
N ALA B 97 9.87 -14.95 17.68
CA ALA B 97 9.87 -13.51 17.43
C ALA B 97 8.72 -13.17 16.49
N ARG B 98 8.20 -11.96 16.60
CA ARG B 98 7.15 -11.47 15.73
C ARG B 98 7.74 -10.61 14.63
N GLU B 99 7.20 -10.75 13.42
CA GLU B 99 7.62 -9.94 12.28
C GLU B 99 6.64 -8.78 12.14
N ALA B 100 7.14 -7.56 12.34
CA ALA B 100 6.31 -6.37 12.35
C ALA B 100 6.87 -5.34 11.37
N THR B 101 6.12 -4.25 11.22
CA THR B 101 6.57 -3.11 10.42
C THR B 101 7.98 -2.69 10.83
N ALA B 102 8.27 -2.73 12.12
CA ALA B 102 9.57 -2.36 12.64
C ALA B 102 10.48 -3.55 12.82
N GLY B 103 10.39 -4.54 11.93
CA GLY B 103 11.25 -5.70 12.01
C GLY B 103 10.85 -6.66 13.10
N PHE B 104 11.80 -7.50 13.51
CA PHE B 104 11.60 -8.42 14.62
C PHE B 104 11.68 -7.61 15.91
N ASP B 105 10.62 -6.87 16.19
CA ASP B 105 10.66 -5.86 17.24
C ASP B 105 10.40 -6.43 18.65
N TYR B 106 9.93 -7.67 18.76
CA TYR B 106 9.66 -8.25 20.07
C TYR B 106 9.96 -9.74 20.03
N TRP B 107 10.57 -10.24 21.12
CA TRP B 107 11.05 -11.61 21.18
C TRP B 107 10.59 -12.28 22.46
N GLY B 108 10.48 -13.61 22.41
CA GLY B 108 10.23 -14.39 23.60
C GLY B 108 11.46 -14.42 24.50
N GLN B 109 11.29 -15.01 25.68
CA GLN B 109 12.39 -15.08 26.63
C GLN B 109 13.34 -16.25 26.34
N GLY B 110 12.89 -17.23 25.56
CA GLY B 110 13.71 -18.38 25.24
C GLY B 110 13.51 -19.54 26.19
N ASN B 111 13.32 -20.74 25.65
CA ASN B 111 13.20 -21.96 26.43
C ASN B 111 14.23 -22.98 25.96
N LEU B 112 14.96 -23.55 26.91
CA LEU B 112 15.99 -24.51 26.61
C LEU B 112 15.39 -25.86 26.21
N VAL B 113 16.13 -26.57 25.36
CA VAL B 113 15.78 -27.94 24.99
C VAL B 113 17.06 -28.76 24.99
N THR B 114 17.15 -29.72 25.90
CA THR B 114 18.35 -30.52 26.08
C THR B 114 18.00 -31.97 25.77
N VAL B 115 18.41 -32.43 24.59
CA VAL B 115 18.17 -33.81 24.19
C VAL B 115 19.36 -34.66 24.64
N SER B 116 19.07 -35.68 25.46
CA SER B 116 20.06 -36.62 25.97
C SER B 116 19.33 -37.61 26.87
N SER B 117 19.95 -38.77 27.07
CA SER B 117 19.35 -39.86 27.84
C SER B 117 19.47 -39.66 29.34
N ALA B 118 20.16 -38.62 29.80
CA ALA B 118 20.43 -38.45 31.22
C ALA B 118 19.15 -38.11 31.99
N SER B 119 19.23 -38.24 33.31
CA SER B 119 18.10 -37.98 34.20
C SER B 119 18.34 -36.69 34.98
N THR B 120 17.25 -35.98 35.27
CA THR B 120 17.33 -34.71 35.98
C THR B 120 17.92 -34.91 37.37
N LYS B 121 19.15 -34.44 37.57
CA LYS B 121 19.88 -34.65 38.81
C LYS B 121 20.38 -33.31 39.34
N GLY B 122 20.15 -33.07 40.63
CA GLY B 122 20.63 -31.87 41.28
C GLY B 122 22.12 -31.95 41.58
N PRO B 123 22.75 -30.79 41.76
CA PRO B 123 24.20 -30.76 41.88
C PRO B 123 24.71 -31.06 43.29
N SER B 124 25.97 -31.46 43.34
CA SER B 124 26.70 -31.57 44.60
C SER B 124 27.63 -30.37 44.70
N VAL B 125 27.61 -29.70 45.85
CA VAL B 125 28.32 -28.45 46.06
C VAL B 125 29.44 -28.69 47.05
N PHE B 126 30.66 -28.27 46.69
CA PHE B 126 31.82 -28.45 47.53
C PHE B 126 32.55 -27.12 47.68
N PRO B 127 32.97 -26.75 48.88
CA PRO B 127 33.61 -25.45 49.07
C PRO B 127 35.07 -25.47 48.61
N LEU B 128 35.46 -24.43 47.87
CA LEU B 128 36.86 -24.19 47.52
C LEU B 128 37.39 -23.20 48.55
N ALA B 129 37.96 -23.73 49.63
CA ALA B 129 38.30 -22.93 50.80
C ALA B 129 39.54 -22.08 50.54
N PRO B 130 39.58 -20.85 51.06
CA PRO B 130 40.74 -20.00 50.84
C PRO B 130 41.93 -20.46 51.67
N SER B 131 43.12 -20.27 51.09
CA SER B 131 44.34 -20.69 51.75
C SER B 131 44.59 -19.88 53.02
N SER B 132 44.82 -20.59 54.12
CA SER B 132 45.26 -19.92 55.35
C SER B 132 46.67 -19.36 55.22
N LYS B 133 47.40 -19.77 54.18
CA LYS B 133 48.67 -19.15 53.83
C LYS B 133 48.50 -17.97 52.87
N SER B 134 47.30 -17.38 52.83
CA SER B 134 47.03 -16.26 51.94
C SER B 134 48.07 -15.16 52.14
N THR B 135 48.36 -14.41 51.07
CA THR B 135 49.54 -13.56 51.04
C THR B 135 49.61 -12.54 52.18
N SER B 136 48.58 -12.46 53.02
CA SER B 136 48.46 -11.49 54.10
C SER B 136 48.45 -10.04 53.61
N GLY B 137 47.52 -9.26 54.15
CA GLY B 137 47.31 -7.90 53.66
C GLY B 137 47.04 -7.82 52.17
N GLY B 138 46.42 -8.85 51.59
CA GLY B 138 46.15 -8.86 50.17
C GLY B 138 44.78 -9.43 49.87
N THR B 139 44.64 -10.13 48.76
CA THR B 139 43.37 -10.71 48.35
C THR B 139 43.38 -12.22 48.55
N ALA B 140 42.20 -12.77 48.86
CA ALA B 140 42.03 -14.20 49.07
C ALA B 140 40.89 -14.70 48.19
N ALA B 141 41.13 -15.80 47.49
CA ALA B 141 40.13 -16.40 46.61
C ALA B 141 39.44 -17.57 47.30
N LEU B 142 38.14 -17.69 47.08
CA LEU B 142 37.35 -18.80 47.59
C LEU B 142 36.11 -18.92 46.72
N GLY B 143 35.54 -20.12 46.71
CA GLY B 143 34.38 -20.34 45.87
C GLY B 143 33.69 -21.65 46.16
N CYS B 144 32.77 -22.01 45.25
CA CYS B 144 31.96 -23.21 45.38
C CYS B 144 32.04 -24.01 44.10
N LEU B 145 32.23 -25.32 44.23
CA LEU B 145 32.27 -26.22 43.09
C LEU B 145 30.88 -26.86 42.91
N VAL B 146 30.25 -26.62 41.78
CA VAL B 146 28.91 -27.09 41.49
C VAL B 146 29.05 -28.24 40.50
N LYS B 147 29.04 -29.47 41.01
CA LYS B 147 29.39 -30.66 40.23
C LYS B 147 28.17 -31.54 39.98
N ASP B 148 28.19 -32.21 38.83
CA ASP B 148 27.29 -33.31 38.48
C ASP B 148 25.82 -32.89 38.61
N TYR B 149 25.37 -32.11 37.62
CA TYR B 149 23.98 -31.71 37.57
C TYR B 149 23.49 -31.78 36.13
N PHE B 150 22.17 -31.89 35.99
CA PHE B 150 21.49 -32.02 34.72
C PHE B 150 19.99 -31.81 34.94
N PRO B 151 19.29 -31.09 34.07
CA PRO B 151 19.82 -30.34 32.92
C PRO B 151 20.41 -29.00 33.35
N GLU B 152 20.86 -28.20 32.39
CA GLU B 152 21.64 -27.04 32.77
C GLU B 152 20.84 -25.76 32.69
N PRO B 153 20.22 -25.31 33.78
CA PRO B 153 20.52 -23.96 34.24
C PRO B 153 20.91 -24.03 35.72
N VAL B 154 21.95 -23.30 36.12
CA VAL B 154 22.32 -23.21 37.52
C VAL B 154 22.64 -21.77 37.83
N THR B 155 22.05 -21.24 38.90
CA THR B 155 22.30 -19.90 39.37
C THR B 155 23.06 -19.95 40.67
N VAL B 156 24.13 -19.16 40.77
CA VAL B 156 24.93 -19.05 41.98
C VAL B 156 24.86 -17.61 42.46
N SER B 157 24.47 -17.43 43.72
CA SER B 157 24.53 -16.15 44.40
C SER B 157 25.46 -16.27 45.60
N TRP B 158 25.97 -15.14 46.05
CA TRP B 158 26.92 -15.11 47.17
C TRP B 158 26.36 -14.25 48.29
N ASN B 159 26.35 -14.83 49.51
CA ASN B 159 25.75 -14.20 50.68
C ASN B 159 24.34 -13.70 50.38
N SER B 160 23.61 -14.51 49.60
CA SER B 160 22.21 -14.24 49.25
C SER B 160 22.06 -12.92 48.50
N GLY B 161 23.08 -12.53 47.73
CA GLY B 161 23.04 -11.34 46.91
C GLY B 161 23.82 -10.16 47.45
N ALA B 162 24.15 -10.17 48.74
CA ALA B 162 24.89 -9.06 49.32
C ALA B 162 26.27 -8.89 48.68
N LEU B 163 26.88 -10.00 48.26
CA LEU B 163 28.21 -10.00 47.68
C LEU B 163 28.10 -10.13 46.16
N THR B 164 28.35 -9.04 45.45
CA THR B 164 28.27 -9.02 44.00
C THR B 164 29.57 -8.62 43.32
N SER B 165 30.44 -7.89 44.00
CA SER B 165 31.68 -7.41 43.39
C SER B 165 32.78 -8.45 43.58
N GLY B 166 33.52 -8.72 42.50
CA GLY B 166 34.59 -9.68 42.53
C GLY B 166 34.19 -11.11 42.26
N VAL B 167 32.94 -11.35 41.90
CA VAL B 167 32.40 -12.70 41.70
C VAL B 167 32.51 -13.07 40.23
N HIS B 168 32.97 -14.30 39.98
CA HIS B 168 33.03 -14.88 38.64
C HIS B 168 32.38 -16.26 38.70
N THR B 169 31.25 -16.41 38.02
CA THR B 169 30.62 -17.72 37.85
C THR B 169 30.97 -18.24 36.47
N PHE B 170 31.61 -19.40 36.42
CA PHE B 170 32.10 -19.90 35.15
C PHE B 170 31.00 -20.61 34.38
N PRO B 171 31.03 -20.52 33.06
CA PRO B 171 30.10 -21.32 32.26
C PRO B 171 30.28 -22.81 32.52
N ALA B 172 29.17 -23.53 32.47
CA ALA B 172 29.20 -24.96 32.72
C ALA B 172 29.86 -25.70 31.55
N VAL B 173 30.50 -26.82 31.86
CA VAL B 173 31.05 -27.72 30.86
C VAL B 173 30.30 -29.04 30.94
N LEU B 174 29.92 -29.57 29.77
CA LEU B 174 29.19 -30.83 29.70
C LEU B 174 30.20 -31.97 29.83
N GLN B 175 30.24 -32.57 31.01
CA GLN B 175 31.21 -33.62 31.29
C GLN B 175 30.91 -34.86 30.46
N SER B 176 31.93 -35.72 30.34
CA SER B 176 31.79 -36.97 29.60
C SER B 176 30.67 -37.84 30.15
N SER B 177 30.35 -37.70 31.44
CA SER B 177 29.25 -38.41 32.08
C SER B 177 27.89 -37.98 31.55
N GLY B 178 27.80 -36.89 30.79
CA GLY B 178 26.52 -36.32 30.43
C GLY B 178 25.99 -35.30 31.41
N LEU B 179 26.64 -35.12 32.55
CA LEU B 179 26.24 -34.13 33.54
C LEU B 179 27.08 -32.87 33.39
N TYR B 180 26.65 -31.81 34.06
CA TYR B 180 27.33 -30.52 33.99
C TYR B 180 28.03 -30.21 35.30
N SER B 181 29.07 -29.38 35.20
CA SER B 181 29.85 -28.96 36.35
C SER B 181 30.38 -27.56 36.09
N LEU B 182 30.35 -26.72 37.11
CA LEU B 182 30.92 -25.39 37.00
C LEU B 182 31.38 -24.93 38.39
N SER B 183 32.26 -23.94 38.39
CA SER B 183 32.78 -23.34 39.61
C SER B 183 32.42 -21.87 39.63
N SER B 184 32.10 -21.37 40.82
CA SER B 184 31.88 -19.94 41.05
C SER B 184 32.84 -19.51 42.15
N VAL B 185 33.59 -18.43 41.88
CA VAL B 185 34.64 -17.98 42.78
C VAL B 185 34.47 -16.51 43.06
N VAL B 186 35.08 -16.06 44.15
CA VAL B 186 35.02 -14.66 44.57
C VAL B 186 36.31 -14.33 45.32
N THR B 187 36.83 -13.14 45.07
CA THR B 187 38.01 -12.65 45.76
C THR B 187 37.58 -11.68 46.86
N VAL B 188 38.14 -11.85 48.05
CA VAL B 188 37.77 -11.05 49.21
C VAL B 188 39.04 -10.56 49.88
N PRO B 189 38.95 -9.48 50.67
CA PRO B 189 40.10 -9.06 51.47
C PRO B 189 40.57 -10.17 52.38
N SER B 190 41.88 -10.41 52.39
CA SER B 190 42.44 -11.51 53.17
C SER B 190 42.23 -11.32 54.67
N SER B 191 42.01 -10.09 55.12
CA SER B 191 41.86 -9.84 56.55
C SER B 191 40.49 -10.31 57.04
N SER B 192 39.43 -9.94 56.33
CA SER B 192 38.06 -10.27 56.71
C SER B 192 37.72 -11.76 56.58
N LEU B 193 38.72 -12.64 56.49
CA LEU B 193 38.42 -14.07 56.45
C LEU B 193 37.83 -14.55 57.77
N GLY B 194 38.27 -13.98 58.88
CA GLY B 194 37.80 -14.38 60.19
C GLY B 194 36.44 -13.82 60.55
N THR B 195 36.24 -12.52 60.34
CA THR B 195 34.99 -11.87 60.75
C THR B 195 33.85 -12.19 59.78
N GLN B 196 34.00 -11.81 58.53
CA GLN B 196 32.89 -11.90 57.57
C GLN B 196 32.63 -13.35 57.15
N THR B 197 31.36 -13.73 57.14
CA THR B 197 30.94 -15.04 56.67
C THR B 197 30.78 -15.01 55.15
N TYR B 198 30.88 -16.21 54.54
CA TYR B 198 30.84 -16.35 53.08
C TYR B 198 30.11 -17.63 52.72
N ILE B 199 28.92 -17.47 52.12
CA ILE B 199 27.98 -18.53 51.79
C ILE B 199 27.65 -18.41 50.30
N CYS B 200 27.69 -19.53 49.58
CA CYS B 200 27.18 -19.56 48.22
C CYS B 200 25.81 -20.22 48.19
N ASN B 201 24.92 -19.68 47.35
CA ASN B 201 23.57 -20.23 47.17
C ASN B 201 23.43 -20.72 45.74
N VAL B 202 23.25 -22.03 45.57
CA VAL B 202 23.08 -22.65 44.26
C VAL B 202 21.65 -23.14 44.15
N ASN B 203 20.98 -22.76 43.06
CA ASN B 203 19.61 -23.18 42.82
C ASN B 203 19.52 -23.84 41.45
N HIS B 204 18.93 -25.03 41.40
CA HIS B 204 18.75 -25.81 40.18
C HIS B 204 17.25 -26.11 40.06
N LYS B 205 16.53 -25.22 39.38
CA LYS B 205 15.08 -25.35 39.28
C LYS B 205 14.60 -26.63 38.59
N PRO B 206 15.27 -27.17 37.56
CA PRO B 206 14.81 -28.44 36.98
C PRO B 206 14.65 -29.56 37.99
N SER B 207 15.42 -29.55 39.07
CA SER B 207 15.26 -30.53 40.14
C SER B 207 14.75 -29.91 41.43
N ASN B 208 14.48 -28.61 41.43
CA ASN B 208 14.01 -27.88 42.61
C ASN B 208 14.94 -28.11 43.79
N THR B 209 16.19 -27.70 43.60
CA THR B 209 17.24 -27.85 44.60
C THR B 209 17.76 -26.46 44.93
N LYS B 210 17.95 -26.21 46.23
CA LYS B 210 18.55 -24.97 46.73
C LYS B 210 19.56 -25.35 47.79
N VAL B 211 20.82 -25.07 47.55
CA VAL B 211 21.91 -25.45 48.46
C VAL B 211 22.65 -24.19 48.91
N ASP B 212 22.84 -24.07 50.22
CA ASP B 212 23.67 -23.03 50.83
C ASP B 212 24.88 -23.71 51.46
N LYS B 213 26.08 -23.32 51.03
CA LYS B 213 27.30 -24.05 51.38
C LYS B 213 28.33 -23.14 52.01
N LYS B 214 28.97 -23.62 53.08
CA LYS B 214 29.81 -22.82 53.96
C LYS B 214 31.27 -22.92 53.52
N VAL B 215 31.82 -21.81 53.02
CA VAL B 215 33.21 -21.73 52.62
C VAL B 215 33.96 -21.02 53.74
N GLU B 216 34.65 -21.81 54.58
CA GLU B 216 35.46 -21.32 55.69
C GLU B 216 36.94 -21.54 55.39
N PRO B 217 37.84 -20.73 55.98
CA PRO B 217 39.27 -20.92 55.75
C PRO B 217 39.74 -22.30 56.17
N LYS B 218 40.90 -22.70 55.64
CA LYS B 218 41.42 -24.04 55.88
C LYS B 218 42.94 -24.02 55.77
N SER B 219 43.57 -24.98 56.44
CA SER B 219 45.03 -25.12 56.41
C SER B 219 45.45 -26.20 55.43
N ASN C 1 19.23 -22.81 0.98
CA ASN C 1 19.84 -21.79 1.81
C ASN C 1 20.80 -20.94 1.00
N ILE C 2 20.67 -19.61 1.10
CA ILE C 2 21.57 -18.71 0.38
C ILE C 2 22.97 -18.75 0.98
N GLN C 3 23.06 -18.81 2.31
CA GLN C 3 24.31 -18.92 3.07
C GLN C 3 25.09 -17.60 3.09
N MET C 4 25.41 -17.12 4.29
CA MET C 4 26.06 -15.83 4.46
C MET C 4 27.41 -16.02 5.15
N THR C 5 28.39 -15.21 4.73
CA THR C 5 29.73 -15.28 5.27
C THR C 5 30.14 -13.93 5.85
N GLN C 6 30.47 -13.91 7.14
CA GLN C 6 30.88 -12.70 7.82
C GLN C 6 32.40 -12.66 7.97
N SER C 7 32.92 -11.46 8.04
CA SER C 7 34.35 -11.23 8.21
C SER C 7 34.58 -9.87 8.86
N PRO C 8 35.38 -9.79 9.92
CA PRO C 8 36.08 -10.94 10.51
C PRO C 8 35.20 -11.71 11.50
N SER C 9 35.63 -12.90 11.92
CA SER C 9 34.88 -13.66 12.90
C SER C 9 35.03 -13.09 14.30
N ALA C 10 36.03 -12.25 14.53
CA ALA C 10 36.25 -11.61 15.82
C ALA C 10 37.19 -10.44 15.61
N MET C 11 37.08 -9.45 16.49
CA MET C 11 38.00 -8.32 16.48
C MET C 11 37.86 -7.56 17.79
N SER C 12 38.86 -6.75 18.09
CA SER C 12 38.90 -5.94 19.29
C SER C 12 39.07 -4.47 18.94
N ALA C 13 38.46 -3.60 19.74
CA ALA C 13 38.55 -2.17 19.50
C ALA C 13 38.39 -1.43 20.81
N SER C 14 38.82 -0.18 20.81
CA SER C 14 38.67 0.69 21.96
C SER C 14 37.37 1.47 21.86
N VAL C 15 36.95 2.03 23.00
CA VAL C 15 35.80 2.93 23.00
C VAL C 15 36.17 4.17 22.21
N GLY C 16 35.41 4.44 21.14
CA GLY C 16 35.64 5.58 20.28
C GLY C 16 36.16 5.22 18.90
N ASP C 17 36.67 4.00 18.72
CA ASP C 17 37.07 3.55 17.40
C ASP C 17 35.85 3.44 16.49
N ARG C 18 36.11 3.35 15.19
CA ARG C 18 35.08 3.02 14.22
C ARG C 18 35.44 1.70 13.56
N VAL C 19 34.46 0.82 13.46
CA VAL C 19 34.67 -0.58 13.12
C VAL C 19 33.72 -0.96 11.98
N THR C 20 34.23 -1.74 11.03
CA THR C 20 33.41 -2.25 9.93
C THR C 20 33.38 -3.76 10.00
N ILE C 21 32.20 -4.33 9.76
CA ILE C 21 32.01 -5.78 9.68
C ILE C 21 31.41 -6.08 8.31
N THR C 22 31.96 -7.10 7.66
CA THR C 22 31.53 -7.48 6.32
C THR C 22 30.63 -8.70 6.38
N CYS C 23 29.63 -8.73 5.49
CA CYS C 23 28.77 -9.89 5.33
C CYS C 23 28.60 -10.13 3.83
N ARG C 24 28.87 -11.35 3.38
CA ARG C 24 28.84 -11.70 1.97
C ARG C 24 27.77 -12.74 1.69
N ALA C 25 27.04 -12.53 0.60
CA ALA C 25 26.01 -13.44 0.16
C ALA C 25 26.52 -14.31 -0.98
N ARG C 26 26.19 -15.60 -0.94
CA ARG C 26 26.56 -16.49 -2.04
C ARG C 26 25.83 -16.14 -3.32
N GLN C 27 24.60 -15.64 -3.22
CA GLN C 27 23.80 -15.21 -4.36
C GLN C 27 23.36 -13.76 -4.18
N ASP C 28 22.79 -13.19 -5.24
CA ASP C 28 22.32 -11.82 -5.18
C ASP C 28 21.05 -11.75 -4.35
N ILE C 29 21.06 -10.89 -3.32
CA ILE C 29 19.93 -10.75 -2.42
C ILE C 29 19.35 -9.34 -2.47
N SER C 30 19.61 -8.61 -3.56
CA SER C 30 19.15 -7.23 -3.73
C SER C 30 19.71 -6.44 -2.54
N SER C 31 18.91 -5.65 -1.84
CA SER C 31 19.38 -4.90 -0.69
C SER C 31 18.72 -5.38 0.60
N TYR C 32 18.31 -6.65 0.63
CA TYR C 32 17.48 -7.16 1.72
C TYR C 32 18.36 -7.97 2.66
N LEU C 33 19.11 -7.25 3.48
CA LEU C 33 20.07 -7.77 4.45
C LEU C 33 19.83 -7.11 5.79
N ALA C 34 19.70 -7.92 6.85
CA ALA C 34 19.46 -7.42 8.19
C ALA C 34 20.67 -7.68 9.08
N TRP C 35 20.80 -6.87 10.14
CA TRP C 35 21.89 -6.96 11.09
C TRP C 35 21.32 -7.12 12.50
N PHE C 36 21.86 -8.08 13.25
CA PHE C 36 21.41 -8.34 14.60
C PHE C 36 22.57 -8.17 15.59
N GLN C 37 22.22 -7.82 16.82
CA GLN C 37 23.16 -7.66 17.91
C GLN C 37 22.74 -8.61 19.03
N GLN C 38 23.70 -9.32 19.61
CA GLN C 38 23.42 -10.21 20.73
C GLN C 38 24.58 -10.19 21.72
N LYS C 39 24.27 -9.86 22.97
CA LYS C 39 25.15 -9.83 24.12
C LYS C 39 25.02 -11.13 24.90
N PRO C 40 26.14 -11.66 25.42
CA PRO C 40 26.15 -13.05 25.92
C PRO C 40 25.08 -13.33 26.97
N GLY C 41 24.15 -14.24 26.64
CA GLY C 41 23.10 -14.66 27.52
C GLY C 41 21.74 -14.03 27.27
N LYS C 42 21.68 -12.96 26.48
CA LYS C 42 20.45 -12.20 26.28
C LYS C 42 19.88 -12.45 24.89
N VAL C 43 18.63 -12.01 24.69
CA VAL C 43 17.92 -12.25 23.44
C VAL C 43 18.44 -11.30 22.36
N PRO C 44 18.48 -11.72 21.09
CA PRO C 44 19.02 -10.86 20.04
C PRO C 44 18.18 -9.61 19.85
N LYS C 45 18.84 -8.54 19.41
CA LYS C 45 18.21 -7.27 19.09
C LYS C 45 18.36 -7.01 17.60
N HIS C 46 17.23 -6.88 16.91
CA HIS C 46 17.25 -6.56 15.50
C HIS C 46 17.65 -5.09 15.33
N LEU C 47 18.76 -4.86 14.62
CA LEU C 47 19.29 -3.51 14.47
C LEU C 47 18.85 -2.84 13.18
N ILE C 48 19.06 -3.50 12.04
CA ILE C 48 18.85 -2.90 10.73
C ILE C 48 18.17 -3.94 9.84
N TYR C 49 17.41 -3.45 8.86
CA TYR C 49 16.93 -4.28 7.78
C TYR C 49 17.05 -3.49 6.48
N ALA C 50 16.84 -4.17 5.36
CA ALA C 50 17.00 -3.59 4.03
C ALA C 50 18.36 -2.92 3.90
N ALA C 51 19.37 -3.53 4.51
CA ALA C 51 20.78 -3.15 4.41
C ALA C 51 21.12 -1.85 5.14
N SER C 52 20.17 -0.91 5.24
CA SER C 52 20.52 0.39 5.80
C SER C 52 19.42 1.07 6.61
N THR C 53 18.24 0.46 6.77
CA THR C 53 17.15 1.10 7.49
C THR C 53 17.23 0.74 8.98
N LEU C 54 17.41 1.75 9.81
CA LEU C 54 17.52 1.54 11.26
C LEU C 54 16.17 1.14 11.84
N LEU C 55 16.22 0.32 12.89
CA LEU C 55 15.04 -0.03 13.66
C LEU C 55 14.84 0.97 14.79
N SER C 56 13.62 0.98 15.33
CA SER C 56 13.29 1.88 16.43
C SER C 56 14.24 1.66 17.60
N GLY C 57 14.90 2.73 18.02
CA GLY C 57 15.79 2.73 19.17
C GLY C 57 17.26 2.60 18.82
N VAL C 58 17.58 2.14 17.61
CA VAL C 58 18.98 1.87 17.26
C VAL C 58 19.70 3.20 17.03
N PRO C 59 20.87 3.41 17.62
CA PRO C 59 21.59 4.68 17.43
C PRO C 59 22.07 4.82 15.99
N SER C 60 22.13 6.07 15.54
CA SER C 60 22.54 6.38 14.18
C SER C 60 24.01 6.09 13.92
N ARG C 61 24.82 5.85 14.96
CA ARG C 61 26.20 5.46 14.71
C ARG C 61 26.31 4.06 14.12
N PHE C 62 25.22 3.29 14.12
CA PHE C 62 25.13 2.04 13.38
C PHE C 62 24.67 2.36 11.96
N SER C 63 25.56 2.20 10.98
CA SER C 63 25.26 2.50 9.59
C SER C 63 25.53 1.26 8.75
N GLY C 64 24.52 0.83 7.99
CA GLY C 64 24.65 -0.34 7.13
C GLY C 64 24.69 0.08 5.67
N SER C 65 25.46 -0.67 4.88
CA SER C 65 25.62 -0.39 3.46
C SER C 65 25.64 -1.69 2.69
N GLY C 66 25.46 -1.59 1.37
CA GLY C 66 25.65 -2.73 0.51
C GLY C 66 24.49 -3.08 -0.40
N SER C 67 24.81 -3.76 -1.51
CA SER C 67 23.80 -4.24 -2.45
C SER C 67 24.32 -5.48 -3.14
N GLY C 68 23.40 -6.33 -3.57
CA GLY C 68 23.77 -7.54 -4.29
C GLY C 68 24.29 -8.64 -3.39
N THR C 69 25.61 -8.72 -3.23
CA THR C 69 26.24 -9.79 -2.46
C THR C 69 27.19 -9.30 -1.38
N GLU C 70 27.60 -8.04 -1.39
CA GLU C 70 28.58 -7.52 -0.44
C GLU C 70 27.94 -6.43 0.42
N PHE C 71 27.86 -6.68 1.72
CA PHE C 71 27.25 -5.75 2.67
C PHE C 71 28.21 -5.50 3.82
N THR C 72 28.10 -4.32 4.42
CA THR C 72 29.01 -3.90 5.48
C THR C 72 28.22 -3.16 6.55
N LEU C 73 28.61 -3.37 7.81
CA LEU C 73 28.08 -2.61 8.94
C LEU C 73 29.21 -1.80 9.53
N THR C 74 29.04 -0.48 9.57
CA THR C 74 30.04 0.44 10.11
C THR C 74 29.50 1.04 11.38
N ILE C 75 30.17 0.76 12.50
CA ILE C 75 29.82 1.33 13.80
C ILE C 75 30.84 2.39 14.16
N SER C 76 30.38 3.63 14.28
CA SER C 76 31.24 4.77 14.59
C SER C 76 31.20 5.06 16.08
N SER C 77 32.27 5.67 16.57
CA SER C 77 32.37 6.13 17.95
C SER C 77 31.88 5.07 18.93
N LEU C 78 32.59 3.94 18.91
CA LEU C 78 32.19 2.76 19.68
C LEU C 78 31.97 3.11 21.16
N GLN C 79 30.93 2.52 21.73
CA GLN C 79 30.50 2.80 23.08
C GLN C 79 30.39 1.50 23.87
N PRO C 80 30.51 1.57 25.20
CA PRO C 80 30.55 0.33 26.01
C PRO C 80 29.40 -0.63 25.76
N GLU C 81 28.22 -0.13 25.45
CA GLU C 81 27.06 -0.99 25.20
C GLU C 81 27.04 -1.60 23.80
N ASP C 82 28.05 -1.31 22.98
CA ASP C 82 28.09 -1.83 21.62
C ASP C 82 28.94 -3.08 21.48
N PHE C 83 29.72 -3.43 22.49
CA PHE C 83 30.61 -4.59 22.41
C PHE C 83 29.79 -5.85 22.62
N ALA C 84 29.59 -6.60 21.54
CA ALA C 84 28.72 -7.76 21.53
C ALA C 84 29.02 -8.56 20.28
N THR C 85 28.20 -9.56 20.00
CA THR C 85 28.30 -10.33 18.77
C THR C 85 27.25 -9.84 17.78
N TYR C 86 27.66 -9.68 16.53
CA TYR C 86 26.80 -9.14 15.48
C TYR C 86 26.61 -10.19 14.39
N TYR C 87 25.36 -10.42 14.01
CA TYR C 87 25.01 -11.36 12.96
C TYR C 87 24.35 -10.63 11.80
N CYS C 88 24.53 -11.15 10.59
CA CYS C 88 23.78 -10.71 9.43
C CYS C 88 22.82 -11.81 9.01
N LEU C 89 21.77 -11.40 8.29
CA LEU C 89 20.73 -12.33 7.87
C LEU C 89 20.05 -11.79 6.62
N GLN C 90 20.10 -12.54 5.53
CA GLN C 90 19.34 -12.14 4.36
C GLN C 90 17.86 -12.42 4.60
N HIS C 91 17.01 -11.44 4.25
CA HIS C 91 15.57 -11.64 4.28
C HIS C 91 14.99 -11.41 2.90
N ASN C 92 15.71 -11.86 1.87
CA ASN C 92 15.25 -11.75 0.50
C ASN C 92 14.46 -12.97 0.04
N SER C 93 14.77 -14.16 0.57
CA SER C 93 14.11 -15.38 0.12
C SER C 93 14.16 -16.40 1.24
N TYR C 94 13.10 -17.19 1.34
CA TYR C 94 13.09 -18.29 2.30
C TYR C 94 13.92 -19.45 1.77
N PRO C 95 14.64 -20.18 2.64
CA PRO C 95 14.74 -19.94 4.09
C PRO C 95 15.70 -18.81 4.45
N TYR C 96 15.31 -18.02 5.44
CA TYR C 96 16.17 -16.92 5.94
C TYR C 96 17.45 -17.53 6.47
N THR C 97 18.58 -16.89 6.18
CA THR C 97 19.89 -17.44 6.54
C THR C 97 20.68 -16.44 7.37
N PHE C 98 21.22 -16.88 8.50
CA PHE C 98 22.03 -16.03 9.38
C PHE C 98 23.50 -16.22 9.03
N GLY C 99 24.32 -15.28 9.46
CA GLY C 99 25.75 -15.37 9.27
C GLY C 99 26.44 -16.13 10.39
N GLN C 100 27.75 -16.28 10.25
CA GLN C 100 28.53 -17.01 11.25
C GLN C 100 28.72 -16.19 12.52
N GLY C 101 28.63 -14.88 12.45
CA GLY C 101 28.77 -14.04 13.62
C GLY C 101 30.12 -13.34 13.65
N THR C 102 30.15 -12.19 14.31
CA THR C 102 31.38 -11.43 14.52
C THR C 102 31.40 -10.96 15.97
N LYS C 103 32.32 -11.49 16.75
CA LYS C 103 32.42 -11.14 18.16
C LYS C 103 33.27 -9.88 18.31
N LEU C 104 32.72 -8.86 18.95
CA LEU C 104 33.37 -7.57 19.13
C LEU C 104 33.67 -7.37 20.61
N GLU C 105 34.96 -7.43 20.97
CA GLU C 105 35.40 -7.28 22.35
C GLU C 105 36.30 -6.08 22.48
N ILE C 106 36.49 -5.61 23.73
CA ILE C 106 37.29 -4.42 23.98
C ILE C 106 38.77 -4.78 24.00
N ASN C 107 39.62 -3.79 23.69
CA ASN C 107 41.04 -4.06 23.52
C ASN C 107 41.78 -4.12 24.84
N ARG C 108 41.66 -3.09 25.68
CA ARG C 108 42.23 -3.12 27.03
C ARG C 108 43.75 -3.23 27.06
N THR C 109 44.36 -3.03 28.23
CA THR C 109 45.80 -3.19 28.38
C THR C 109 46.14 -4.59 28.90
N VAL C 110 47.37 -5.01 28.64
CA VAL C 110 47.79 -6.36 29.01
C VAL C 110 47.85 -6.48 30.53
N ALA C 111 47.21 -7.50 31.07
CA ALA C 111 47.17 -7.75 32.51
C ALA C 111 47.54 -9.20 32.78
N ALA C 112 48.27 -9.41 33.86
CA ALA C 112 48.67 -10.76 34.22
C ALA C 112 47.66 -11.39 35.18
N PRO C 113 47.45 -12.70 35.09
CA PRO C 113 46.49 -13.34 35.99
C PRO C 113 47.06 -13.53 37.39
N SER C 114 46.15 -13.53 38.36
CA SER C 114 46.45 -13.96 39.73
C SER C 114 46.02 -15.41 39.87
N VAL C 115 46.96 -16.28 40.22
CA VAL C 115 46.76 -17.72 40.16
C VAL C 115 46.50 -18.26 41.56
N PHE C 116 45.50 -19.12 41.68
CA PHE C 116 45.15 -19.77 42.93
C PHE C 116 44.93 -21.26 42.67
N ILE C 117 45.28 -22.08 43.65
CA ILE C 117 45.07 -23.52 43.58
C ILE C 117 44.23 -23.95 44.77
N PHE C 118 43.33 -24.89 44.53
CA PHE C 118 42.38 -25.35 45.53
C PHE C 118 42.38 -26.87 45.60
N PRO C 119 42.83 -27.47 46.70
CA PRO C 119 42.73 -28.92 46.86
C PRO C 119 41.27 -29.35 46.89
N PRO C 120 40.99 -30.64 46.70
CA PRO C 120 39.61 -31.11 46.83
C PRO C 120 39.14 -31.00 48.27
N SER C 121 37.87 -30.63 48.45
CA SER C 121 37.31 -30.54 49.78
C SER C 121 37.09 -31.92 50.37
N ASP C 122 37.24 -32.01 51.70
CA ASP C 122 37.03 -33.28 52.38
C ASP C 122 35.61 -33.80 52.19
N GLU C 123 34.63 -32.89 52.07
CA GLU C 123 33.27 -33.33 51.80
C GLU C 123 33.18 -34.07 50.48
N GLN C 124 33.99 -33.67 49.50
CA GLN C 124 34.01 -34.36 48.21
C GLN C 124 34.81 -35.66 48.29
N LEU C 125 35.95 -35.63 48.98
CA LEU C 125 36.78 -36.83 49.07
C LEU C 125 36.04 -37.97 49.76
N LYS C 126 35.10 -37.66 50.66
CA LYS C 126 34.29 -38.70 51.27
C LYS C 126 33.44 -39.43 50.24
N SER C 127 33.02 -38.72 49.18
CA SER C 127 32.18 -39.35 48.16
C SER C 127 32.97 -40.35 47.33
N GLY C 128 34.23 -40.04 47.01
CA GLY C 128 35.06 -40.96 46.24
C GLY C 128 35.72 -40.33 45.03
N THR C 129 35.55 -39.02 44.86
CA THR C 129 36.15 -38.28 43.76
C THR C 129 37.05 -37.19 44.30
N ALA C 130 37.93 -36.67 43.44
CA ALA C 130 38.87 -35.62 43.83
C ALA C 130 39.01 -34.63 42.68
N SER C 131 38.42 -33.45 42.84
CA SER C 131 38.51 -32.38 41.86
C SER C 131 39.45 -31.30 42.38
N VAL C 132 40.56 -31.08 41.67
CA VAL C 132 41.51 -30.03 42.00
C VAL C 132 41.28 -28.87 41.04
N VAL C 133 41.19 -27.66 41.57
CA VAL C 133 40.78 -26.48 40.81
C VAL C 133 41.92 -25.47 40.81
N CYS C 134 42.19 -24.90 39.64
CA CYS C 134 43.13 -23.80 39.49
C CYS C 134 42.40 -22.61 38.89
N LEU C 135 42.67 -21.42 39.41
CA LEU C 135 41.97 -20.21 39.01
C LEU C 135 42.97 -19.18 38.49
N LEU C 136 42.72 -18.68 37.29
CA LEU C 136 43.47 -17.58 36.69
C LEU C 136 42.53 -16.39 36.62
N ASN C 137 42.74 -15.39 37.47
CA ASN C 137 41.75 -14.35 37.68
C ASN C 137 42.22 -13.02 37.08
N ASN C 138 41.34 -12.43 36.26
CA ASN C 138 41.43 -11.02 35.84
C ASN C 138 42.67 -10.76 34.99
N PHE C 139 42.81 -11.53 33.91
CA PHE C 139 43.92 -11.39 32.98
C PHE C 139 43.41 -10.92 31.62
N TYR C 140 44.33 -10.39 30.81
CA TYR C 140 44.06 -10.04 29.42
C TYR C 140 45.37 -10.06 28.65
N PRO C 141 45.40 -10.56 27.41
CA PRO C 141 44.29 -11.18 26.65
C PRO C 141 43.89 -12.54 27.19
N ARG C 142 42.92 -13.19 26.53
CA ARG C 142 42.38 -14.45 27.06
C ARG C 142 43.29 -15.64 26.80
N GLU C 143 44.30 -15.51 25.95
CA GLU C 143 45.19 -16.64 25.65
C GLU C 143 46.08 -16.92 26.86
N ALA C 144 45.85 -18.07 27.50
CA ALA C 144 46.68 -18.53 28.60
C ALA C 144 46.86 -20.04 28.49
N LYS C 145 47.87 -20.56 29.19
CA LYS C 145 48.17 -21.98 29.18
C LYS C 145 48.28 -22.48 30.62
N VAL C 146 47.65 -23.62 30.90
CA VAL C 146 47.62 -24.22 32.23
C VAL C 146 48.08 -25.67 32.10
N GLN C 147 49.28 -25.96 32.61
CA GLN C 147 49.80 -27.33 32.64
C GLN C 147 49.72 -27.86 34.07
N TRP C 148 49.19 -29.07 34.22
CA TRP C 148 49.05 -29.71 35.52
C TRP C 148 50.20 -30.69 35.72
N LYS C 149 50.97 -30.51 36.80
CA LYS C 149 52.09 -31.38 37.14
C LYS C 149 51.83 -32.02 38.49
N VAL C 150 51.65 -33.34 38.49
CA VAL C 150 51.48 -34.13 39.70
C VAL C 150 52.79 -34.87 39.96
N ASP C 151 53.50 -34.49 41.01
CA ASP C 151 54.84 -34.98 41.31
C ASP C 151 55.77 -34.74 40.12
N ASN C 152 55.84 -33.47 39.72
CA ASN C 152 56.63 -33.00 38.58
C ASN C 152 56.40 -33.82 37.32
N ALA C 153 55.25 -34.48 37.22
CA ALA C 153 54.89 -35.26 36.04
C ALA C 153 53.69 -34.62 35.36
N LEU C 154 53.84 -34.26 34.09
CA LEU C 154 52.80 -33.54 33.37
C LEU C 154 51.57 -34.43 33.20
N GLN C 155 50.39 -33.83 33.35
CA GLN C 155 49.14 -34.55 33.19
C GLN C 155 48.55 -34.28 31.81
N SER C 156 47.81 -35.26 31.30
CA SER C 156 47.18 -35.13 29.99
C SER C 156 45.83 -35.84 30.01
N GLY C 157 44.82 -35.18 29.43
CA GLY C 157 43.52 -35.79 29.26
C GLY C 157 42.71 -35.98 30.52
N ASN C 158 42.96 -35.16 31.55
CA ASN C 158 42.17 -35.26 32.77
C ASN C 158 41.90 -33.89 33.38
N SER C 159 42.00 -32.82 32.60
CA SER C 159 41.68 -31.47 33.05
C SER C 159 40.74 -30.81 32.06
N GLN C 160 40.01 -29.81 32.55
CA GLN C 160 39.02 -29.10 31.76
C GLN C 160 39.09 -27.62 32.08
N GLU C 161 38.91 -26.79 31.06
CA GLU C 161 39.01 -25.34 31.19
C GLU C 161 37.64 -24.70 30.95
N SER C 162 37.43 -23.55 31.61
CA SER C 162 36.26 -22.72 31.40
C SER C 162 36.67 -21.26 31.57
N VAL C 163 36.36 -20.44 30.58
CA VAL C 163 36.73 -19.03 30.57
C VAL C 163 35.46 -18.19 30.63
N THR C 164 35.54 -17.05 31.31
CA THR C 164 34.42 -16.13 31.38
C THR C 164 34.42 -15.19 30.18
N GLU C 165 33.31 -14.47 30.02
CA GLU C 165 33.26 -13.35 29.11
C GLU C 165 33.92 -12.14 29.76
N GLN C 166 34.28 -11.16 28.94
CA GLN C 166 34.92 -9.95 29.44
C GLN C 166 34.04 -9.30 30.50
N ASP C 167 34.67 -8.88 31.60
CA ASP C 167 33.94 -8.29 32.69
C ASP C 167 33.49 -6.87 32.35
N SER C 168 32.38 -6.45 32.97
CA SER C 168 31.79 -5.16 32.64
C SER C 168 32.74 -4.01 32.96
N LYS C 169 33.48 -4.12 34.08
CA LYS C 169 34.34 -3.03 34.54
C LYS C 169 35.77 -3.17 33.99
N ASP C 170 36.54 -4.12 34.53
CA ASP C 170 37.94 -4.23 34.15
C ASP C 170 38.15 -4.82 32.76
N SER C 171 37.10 -5.34 32.12
CA SER C 171 37.19 -5.91 30.77
C SER C 171 38.26 -7.01 30.70
N THR C 172 38.27 -7.87 31.71
CA THR C 172 39.25 -8.94 31.82
C THR C 172 38.58 -10.29 31.62
N TYR C 173 39.40 -11.34 31.62
CA TYR C 173 38.95 -12.71 31.52
C TYR C 173 39.35 -13.46 32.78
N SER C 174 38.68 -14.59 33.01
CA SER C 174 38.98 -15.46 34.15
C SER C 174 38.78 -16.91 33.71
N LEU C 175 39.65 -17.79 34.18
CA LEU C 175 39.68 -19.18 33.73
C LEU C 175 39.68 -20.13 34.92
N SER C 176 38.91 -21.21 34.81
CA SER C 176 38.86 -22.27 35.81
C SER C 176 39.33 -23.58 35.17
N SER C 177 40.41 -24.14 35.70
CA SER C 177 40.95 -25.41 35.24
C SER C 177 40.76 -26.45 36.35
N THR C 178 40.05 -27.53 36.04
CA THR C 178 39.72 -28.56 37.00
C THR C 178 40.42 -29.86 36.62
N LEU C 179 41.24 -30.39 37.53
CA LEU C 179 41.85 -31.70 37.37
C LEU C 179 40.97 -32.74 38.04
N THR C 180 40.49 -33.72 37.27
CA THR C 180 39.62 -34.76 37.77
C THR C 180 40.43 -36.02 38.06
N LEU C 181 40.25 -36.58 39.26
CA LEU C 181 40.92 -37.80 39.65
C LEU C 181 39.99 -38.61 40.53
N SER C 182 40.19 -39.92 40.52
CA SER C 182 39.63 -40.74 41.60
C SER C 182 40.46 -40.54 42.85
N LYS C 183 39.83 -40.76 44.01
CA LYS C 183 40.59 -40.62 45.25
C LYS C 183 41.78 -41.58 45.29
N ALA C 184 41.65 -42.74 44.64
CA ALA C 184 42.78 -43.67 44.59
C ALA C 184 44.00 -43.03 43.93
N ASP C 185 43.82 -42.47 42.74
CA ASP C 185 44.92 -41.78 42.06
C ASP C 185 45.38 -40.56 42.84
N TYR C 186 44.48 -39.91 43.57
CA TYR C 186 44.82 -38.68 44.28
C TYR C 186 45.75 -38.96 45.45
N GLU C 187 45.35 -39.87 46.34
CA GLU C 187 46.14 -40.13 47.55
C GLU C 187 47.41 -40.93 47.27
N LYS C 188 47.72 -41.22 46.01
CA LYS C 188 48.96 -41.89 45.66
C LYS C 188 50.08 -40.91 45.30
N HIS C 189 49.81 -39.61 45.37
CA HIS C 189 50.77 -38.60 44.97
C HIS C 189 50.81 -37.49 46.01
N LYS C 190 51.94 -36.77 46.05
CA LYS C 190 52.19 -35.80 47.10
C LYS C 190 51.94 -34.36 46.66
N VAL C 191 52.75 -33.85 45.74
CA VAL C 191 52.72 -32.45 45.35
C VAL C 191 51.88 -32.28 44.09
N TYR C 192 50.96 -31.32 44.11
CA TYR C 192 50.10 -30.99 42.98
C TYR C 192 50.39 -29.56 42.55
N ALA C 193 50.69 -29.37 41.27
CA ALA C 193 51.15 -28.08 40.76
C ALA C 193 50.28 -27.63 39.60
N CYS C 194 50.08 -26.31 39.52
CA CYS C 194 49.36 -25.67 38.43
C CYS C 194 50.31 -24.67 37.80
N GLU C 195 50.85 -25.00 36.63
CA GLU C 195 51.78 -24.13 35.93
C GLU C 195 51.05 -23.31 34.89
N VAL C 196 51.31 -22.00 34.89
CA VAL C 196 50.54 -21.03 34.12
C VAL C 196 51.50 -20.14 33.36
N THR C 197 51.26 -19.98 32.05
CA THR C 197 51.98 -19.01 31.25
C THR C 197 50.99 -18.05 30.61
N HIS C 198 51.44 -16.81 30.44
CA HIS C 198 50.60 -15.76 29.87
C HIS C 198 51.51 -14.66 29.36
N GLN C 199 50.96 -13.85 28.44
CA GLN C 199 51.75 -12.81 27.79
C GLN C 199 52.32 -11.82 28.79
N GLY C 200 51.62 -11.57 29.90
CA GLY C 200 52.03 -10.61 30.90
C GLY C 200 52.93 -11.13 32.00
N LEU C 201 53.33 -12.40 31.93
CA LEU C 201 54.23 -12.98 32.92
C LEU C 201 55.62 -13.15 32.32
N SER C 202 56.63 -12.65 33.04
CA SER C 202 58.00 -12.78 32.57
C SER C 202 58.47 -14.23 32.55
N SER C 203 57.88 -15.06 33.40
CA SER C 203 58.24 -16.48 33.50
C SER C 203 57.07 -17.22 34.12
N PRO C 204 56.95 -18.53 33.85
CA PRO C 204 55.74 -19.26 34.30
C PRO C 204 55.58 -19.21 35.81
N VAL C 205 54.36 -18.90 36.24
CA VAL C 205 54.01 -18.88 37.66
C VAL C 205 53.45 -20.24 38.03
N THR C 206 53.88 -20.77 39.18
CA THR C 206 53.38 -22.03 39.69
C THR C 206 52.77 -21.83 41.06
N LYS C 207 51.60 -22.43 41.27
CA LYS C 207 50.98 -22.52 42.59
C LYS C 207 50.77 -24.00 42.89
N SER C 208 51.27 -24.44 44.04
CA SER C 208 51.29 -25.86 44.37
C SER C 208 50.82 -26.09 45.81
N PHE C 209 50.37 -27.32 46.06
CA PHE C 209 50.02 -27.76 47.40
C PHE C 209 50.45 -29.20 47.59
N ASN C 210 50.68 -29.58 48.84
CA ASN C 210 50.97 -30.96 49.22
C ASN C 210 49.78 -31.51 49.99
N ARG C 211 49.36 -32.72 49.62
CA ARG C 211 48.20 -33.37 50.20
C ARG C 211 48.22 -33.31 51.72
N GLY C 212 47.57 -32.29 52.29
CA GLY C 212 47.54 -32.10 53.73
C GLY C 212 47.46 -30.64 54.16
N GLN D 1 -25.36 -9.52 -23.60
CA GLN D 1 -25.10 -8.11 -23.35
C GLN D 1 -24.48 -7.87 -21.97
N VAL D 2 -23.43 -7.07 -21.94
CA VAL D 2 -22.84 -6.63 -20.66
C VAL D 2 -23.62 -5.43 -20.16
N GLN D 3 -24.04 -5.49 -18.90
CA GLN D 3 -24.86 -4.45 -18.30
C GLN D 3 -24.20 -3.95 -17.02
N LEU D 4 -24.23 -2.63 -16.83
CA LEU D 4 -23.73 -1.99 -15.61
C LEU D 4 -24.92 -1.35 -14.91
N VAL D 5 -25.39 -1.98 -13.84
CA VAL D 5 -26.56 -1.53 -13.10
C VAL D 5 -26.08 -0.84 -11.83
N GLN D 6 -26.36 0.46 -11.71
CA GLN D 6 -25.89 1.26 -10.59
C GLN D 6 -26.95 1.23 -9.48
N SER D 7 -26.95 2.25 -8.62
CA SER D 7 -27.87 2.33 -7.49
C SER D 7 -28.73 3.58 -7.62
N GLY D 8 -29.72 3.68 -6.73
CA GLY D 8 -30.69 4.76 -6.79
C GLY D 8 -30.11 6.10 -6.38
N ALA D 9 -30.92 7.15 -6.62
CA ALA D 9 -30.50 8.50 -6.32
C ALA D 9 -30.33 8.70 -4.81
N GLU D 10 -29.52 9.70 -4.46
CA GLU D 10 -29.20 9.98 -3.06
C GLU D 10 -29.22 11.48 -2.85
N VAL D 11 -29.83 11.92 -1.76
CA VAL D 11 -29.80 13.31 -1.35
C VAL D 11 -29.08 13.38 -0.01
N LYS D 12 -28.03 14.19 0.05
CA LYS D 12 -27.17 14.27 1.22
C LYS D 12 -26.93 15.72 1.60
N LYS D 13 -26.73 15.93 2.88
CA LYS D 13 -26.38 17.24 3.40
C LYS D 13 -24.86 17.37 3.47
N PRO D 14 -24.33 18.60 3.36
CA PRO D 14 -22.87 18.77 3.25
C PRO D 14 -22.14 18.19 4.45
N GLY D 15 -20.97 17.61 4.17
CA GLY D 15 -20.16 16.95 5.18
C GLY D 15 -20.39 15.45 5.31
N ALA D 16 -21.41 14.92 4.66
CA ALA D 16 -21.73 13.50 4.75
C ALA D 16 -20.97 12.71 3.69
N SER D 17 -21.18 11.39 3.69
CA SER D 17 -20.55 10.48 2.76
C SER D 17 -21.61 9.74 1.97
N VAL D 18 -21.22 9.22 0.80
CA VAL D 18 -22.15 8.51 -0.07
C VAL D 18 -21.42 7.30 -0.66
N LYS D 19 -22.14 6.18 -0.79
CA LYS D 19 -21.56 4.94 -1.28
C LYS D 19 -22.44 4.41 -2.41
N VAL D 20 -22.03 4.67 -3.66
CA VAL D 20 -22.74 4.22 -4.85
C VAL D 20 -22.28 2.82 -5.22
N SER D 21 -23.22 1.97 -5.63
CA SER D 21 -22.91 0.61 -6.07
C SER D 21 -23.04 0.51 -7.58
N CYS D 22 -22.48 -0.59 -8.12
CA CYS D 22 -22.53 -0.84 -9.56
C CYS D 22 -22.33 -2.34 -9.77
N LYS D 23 -23.42 -3.04 -10.09
CA LYS D 23 -23.38 -4.47 -10.33
C LYS D 23 -23.13 -4.76 -11.81
N ALA D 24 -22.17 -5.62 -12.09
CA ALA D 24 -21.83 -6.01 -13.45
C ALA D 24 -22.50 -7.34 -13.80
N SER D 25 -22.88 -7.48 -15.08
CA SER D 25 -23.69 -8.61 -15.49
C SER D 25 -22.96 -9.57 -16.42
N GLY D 26 -22.97 -9.27 -17.72
CA GLY D 26 -22.66 -10.26 -18.73
C GLY D 26 -21.21 -10.46 -19.13
N TYR D 27 -20.29 -10.45 -18.16
CA TYR D 27 -18.88 -10.71 -18.45
C TYR D 27 -18.23 -11.26 -17.17
N THR D 28 -16.90 -11.37 -17.20
CA THR D 28 -16.15 -11.77 -16.02
C THR D 28 -15.71 -10.50 -15.28
N PHE D 29 -16.33 -10.26 -14.12
CA PHE D 29 -16.00 -9.10 -13.30
C PHE D 29 -14.49 -8.93 -13.13
N SER D 30 -13.80 -10.03 -12.87
CA SER D 30 -12.38 -10.02 -12.57
C SER D 30 -11.48 -9.85 -13.80
N SER D 31 -12.05 -9.57 -14.98
CA SER D 31 -11.25 -9.45 -16.20
C SER D 31 -11.25 -8.03 -16.77
N TYR D 32 -11.86 -7.07 -16.10
CA TYR D 32 -11.97 -5.71 -16.61
C TYR D 32 -11.93 -4.74 -15.45
N ASP D 33 -11.15 -3.67 -15.59
CA ASP D 33 -11.15 -2.61 -14.58
C ASP D 33 -12.46 -1.84 -14.62
N ILE D 34 -12.89 -1.35 -13.47
CA ILE D 34 -14.08 -0.52 -13.33
C ILE D 34 -13.63 0.90 -13.06
N ASN D 35 -14.01 1.83 -13.93
CA ASN D 35 -13.69 3.23 -13.76
C ASN D 35 -14.95 4.00 -13.36
N TRP D 36 -14.75 5.12 -12.66
CA TRP D 36 -15.85 5.95 -12.18
C TRP D 36 -15.72 7.35 -12.75
N VAL D 37 -16.76 7.81 -13.43
CA VAL D 37 -16.79 9.14 -14.00
C VAL D 37 -17.91 9.93 -13.34
N ARG D 38 -17.74 11.25 -13.29
CA ARG D 38 -18.64 12.16 -12.60
C ARG D 38 -19.06 13.27 -13.56
N GLN D 39 -20.31 13.72 -13.45
CA GLN D 39 -20.84 14.76 -14.34
C GLN D 39 -21.72 15.72 -13.55
N ALA D 40 -21.22 16.94 -13.32
CA ALA D 40 -22.02 17.98 -12.70
C ALA D 40 -23.25 18.29 -13.57
N PRO D 41 -24.30 18.88 -12.99
CA PRO D 41 -25.53 19.12 -13.78
C PRO D 41 -25.28 20.00 -14.99
N GLY D 42 -25.52 19.44 -16.17
CA GLY D 42 -25.33 20.15 -17.42
C GLY D 42 -23.91 20.62 -17.62
N GLN D 43 -22.94 19.74 -17.34
CA GLN D 43 -21.53 20.11 -17.35
C GLN D 43 -20.73 18.93 -17.88
N GLY D 44 -19.41 19.09 -17.92
CA GLY D 44 -18.54 18.08 -18.48
C GLY D 44 -18.36 16.85 -17.61
N LEU D 45 -17.75 15.83 -18.21
CA LEU D 45 -17.42 14.61 -17.51
C LEU D 45 -16.11 14.76 -16.76
N GLU D 46 -16.08 14.25 -15.52
CA GLU D 46 -14.87 14.28 -14.69
C GLU D 46 -14.55 12.87 -14.24
N TRP D 47 -13.34 12.41 -14.59
CA TRP D 47 -12.88 11.09 -14.21
C TRP D 47 -12.41 11.09 -12.77
N MET D 48 -12.71 10.00 -12.05
CA MET D 48 -12.39 9.88 -10.64
C MET D 48 -11.32 8.82 -10.34
N GLY D 49 -11.35 7.67 -11.00
CA GLY D 49 -10.38 6.64 -10.71
C GLY D 49 -10.80 5.29 -11.23
N TRP D 50 -9.89 4.33 -11.08
CA TRP D 50 -10.07 2.98 -11.60
C TRP D 50 -9.88 1.97 -10.48
N MET D 51 -10.65 0.89 -10.58
CA MET D 51 -10.54 -0.22 -9.63
C MET D 51 -10.38 -1.51 -10.41
N SER D 52 -9.51 -2.39 -9.93
CA SER D 52 -9.26 -3.68 -10.55
C SER D 52 -9.95 -4.75 -9.73
N PRO D 53 -11.08 -5.31 -10.20
CA PRO D 53 -11.82 -6.27 -9.35
C PRO D 53 -10.99 -7.47 -8.94
N ASN D 54 -10.08 -7.93 -9.80
CA ASN D 54 -9.24 -9.08 -9.45
C ASN D 54 -8.34 -8.74 -8.26
N SER D 55 -7.43 -7.78 -8.44
CA SER D 55 -6.48 -7.46 -7.40
C SER D 55 -7.08 -6.61 -6.29
N GLY D 56 -8.15 -5.86 -6.58
CA GLY D 56 -8.67 -4.89 -5.65
C GLY D 56 -7.91 -3.59 -5.60
N ASN D 57 -6.76 -3.49 -6.29
CA ASN D 57 -5.96 -2.28 -6.29
C ASN D 57 -6.71 -1.13 -6.95
N THR D 58 -6.23 0.09 -6.71
CA THR D 58 -6.91 1.29 -7.13
C THR D 58 -5.93 2.26 -7.77
N GLY D 59 -6.48 3.34 -8.32
CA GLY D 59 -5.76 4.50 -8.77
C GLY D 59 -6.72 5.66 -8.91
N TYR D 60 -6.51 6.72 -8.15
CA TYR D 60 -7.42 7.86 -8.12
C TYR D 60 -6.77 9.09 -8.74
N ALA D 61 -7.61 9.99 -9.24
CA ALA D 61 -7.14 11.32 -9.60
C ALA D 61 -6.82 12.11 -8.33
N GLN D 62 -5.80 12.98 -8.44
CA GLN D 62 -5.36 13.74 -7.27
C GLN D 62 -6.48 14.60 -6.70
N LYS D 63 -7.38 15.10 -7.54
CA LYS D 63 -8.50 15.89 -7.07
C LYS D 63 -9.32 15.16 -6.02
N PHE D 64 -9.33 13.83 -6.05
CA PHE D 64 -10.10 13.04 -5.11
C PHE D 64 -9.26 12.19 -4.17
N GLN D 65 -7.93 12.28 -4.25
CA GLN D 65 -7.07 11.46 -3.39
C GLN D 65 -7.27 11.86 -1.94
N GLY D 66 -7.76 10.93 -1.12
CA GLY D 66 -7.99 11.16 0.29
C GLY D 66 -9.45 11.25 0.67
N ARG D 67 -10.34 11.51 -0.29
CA ARG D 67 -11.78 11.57 -0.01
C ARG D 67 -12.57 10.52 -0.76
N VAL D 68 -11.93 9.71 -1.60
CA VAL D 68 -12.63 8.68 -2.37
C VAL D 68 -12.07 7.32 -1.99
N THR D 69 -12.95 6.33 -1.93
CA THR D 69 -12.61 4.94 -1.68
C THR D 69 -13.42 4.09 -2.64
N MET D 70 -12.74 3.30 -3.47
CA MET D 70 -13.41 2.47 -4.45
C MET D 70 -13.13 1.02 -4.11
N THR D 71 -14.17 0.28 -3.74
CA THR D 71 -14.05 -1.09 -3.27
C THR D 71 -14.84 -2.02 -4.20
N ARG D 72 -14.94 -3.29 -3.82
CA ARG D 72 -15.66 -4.26 -4.62
C ARG D 72 -16.12 -5.40 -3.73
N SER D 73 -17.07 -6.18 -4.27
CA SER D 73 -17.51 -7.42 -3.67
C SER D 73 -17.51 -8.48 -4.75
N THR D 74 -16.53 -9.40 -4.69
CA THR D 74 -16.45 -10.45 -5.70
C THR D 74 -17.68 -11.34 -5.67
N SER D 75 -18.14 -11.69 -4.47
CA SER D 75 -19.23 -12.66 -4.32
C SER D 75 -20.45 -12.26 -5.16
N MET D 76 -20.84 -10.99 -5.11
CA MET D 76 -22.04 -10.53 -5.80
C MET D 76 -21.72 -9.49 -6.88
N SER D 77 -20.49 -9.52 -7.40
CA SER D 77 -20.08 -8.74 -8.56
C SER D 77 -20.57 -7.29 -8.51
N THR D 78 -20.08 -6.56 -7.50
CA THR D 78 -20.50 -5.18 -7.29
C THR D 78 -19.31 -4.31 -6.95
N ALA D 79 -19.14 -3.23 -7.70
CA ALA D 79 -18.12 -2.23 -7.41
C ALA D 79 -18.74 -1.07 -6.65
N TYR D 80 -18.01 -0.55 -5.68
CA TYR D 80 -18.51 0.51 -4.82
C TYR D 80 -17.61 1.73 -4.95
N MET D 81 -18.24 2.91 -4.93
CA MET D 81 -17.52 4.17 -4.90
C MET D 81 -18.04 4.99 -3.73
N GLU D 82 -17.13 5.49 -2.90
CA GLU D 82 -17.51 6.22 -1.69
C GLU D 82 -16.77 7.56 -1.66
N LEU D 83 -17.53 8.64 -1.70
CA LEU D 83 -17.01 9.99 -1.57
C LEU D 83 -17.38 10.55 -0.20
N SER D 84 -16.38 11.02 0.54
CA SER D 84 -16.58 11.56 1.88
C SER D 84 -16.37 13.07 1.88
N SER D 85 -16.79 13.70 2.98
CA SER D 85 -16.70 15.15 3.17
C SER D 85 -17.36 15.89 2.01
N LEU D 86 -18.58 15.45 1.66
CA LEU D 86 -19.27 15.99 0.50
C LEU D 86 -19.57 17.48 0.67
N ARG D 87 -19.56 18.18 -0.46
CA ARG D 87 -20.00 19.56 -0.52
C ARG D 87 -20.89 19.71 -1.75
N SER D 88 -21.48 20.91 -1.93
CA SER D 88 -22.38 21.11 -3.05
C SER D 88 -21.68 20.92 -4.39
N GLU D 89 -20.39 21.23 -4.45
CA GLU D 89 -19.63 21.00 -5.68
C GLU D 89 -19.63 19.53 -6.08
N ASP D 90 -19.89 18.62 -5.15
CA ASP D 90 -19.97 17.19 -5.45
C ASP D 90 -21.35 16.76 -5.90
N THR D 91 -22.28 17.71 -6.07
CA THR D 91 -23.56 17.40 -6.68
C THR D 91 -23.33 17.04 -8.15
N ALA D 92 -23.69 15.82 -8.53
CA ALA D 92 -23.41 15.31 -9.86
C ALA D 92 -24.09 13.96 -10.04
N VAL D 93 -24.23 13.57 -11.31
CA VAL D 93 -24.54 12.19 -11.63
C VAL D 93 -23.23 11.40 -11.65
N TYR D 94 -23.19 10.30 -10.92
CA TYR D 94 -21.98 9.51 -10.76
C TYR D 94 -22.08 8.25 -11.61
N PHE D 95 -21.13 8.09 -12.53
CA PHE D 95 -21.21 7.11 -13.59
C PHE D 95 -20.25 5.96 -13.35
N CYS D 96 -20.62 4.79 -13.85
CA CYS D 96 -19.86 3.56 -13.69
C CYS D 96 -19.58 3.01 -15.08
N ALA D 97 -18.32 2.70 -15.37
CA ALA D 97 -17.95 2.32 -16.72
C ALA D 97 -16.86 1.26 -16.71
N ARG D 98 -16.96 0.33 -17.65
CA ARG D 98 -15.96 -0.72 -17.83
C ARG D 98 -14.87 -0.22 -18.77
N MET D 99 -13.61 -0.34 -18.34
CA MET D 99 -12.49 -0.06 -19.21
C MET D 99 -12.31 -1.20 -20.20
N SER D 100 -11.84 -0.86 -21.39
CA SER D 100 -11.66 -1.84 -22.45
C SER D 100 -10.60 -2.87 -22.07
N SER D 101 -10.68 -4.04 -22.71
CA SER D 101 -9.56 -4.98 -22.64
C SER D 101 -8.31 -4.38 -23.27
N SER D 102 -8.51 -3.60 -24.33
CA SER D 102 -7.41 -2.96 -25.04
C SER D 102 -6.73 -1.95 -24.13
N LEU D 103 -5.42 -2.11 -23.94
CA LEU D 103 -4.64 -1.13 -23.17
C LEU D 103 -4.68 0.25 -23.80
N THR D 104 -5.17 0.35 -25.04
CA THR D 104 -5.69 1.59 -25.61
C THR D 104 -6.52 2.39 -24.62
N ASN D 105 -7.31 1.69 -23.81
CA ASN D 105 -8.10 2.25 -22.73
C ASN D 105 -9.25 3.13 -23.21
N TYR D 106 -10.35 2.51 -23.65
CA TYR D 106 -11.61 3.20 -23.86
C TYR D 106 -12.69 2.56 -22.98
N LEU D 107 -13.66 3.37 -22.56
CA LEU D 107 -14.76 2.88 -21.74
C LEU D 107 -15.84 2.35 -22.66
N ASP D 108 -15.92 1.02 -22.81
CA ASP D 108 -16.80 0.44 -23.82
C ASP D 108 -18.26 0.44 -23.35
N TYR D 109 -18.50 0.16 -22.07
CA TYR D 109 -19.86 0.06 -21.55
C TYR D 109 -19.97 0.90 -20.29
N TRP D 110 -21.05 1.68 -20.20
CA TRP D 110 -21.30 2.61 -19.11
C TRP D 110 -22.48 2.14 -18.27
N GLY D 111 -22.80 2.92 -17.24
CA GLY D 111 -23.94 2.65 -16.39
C GLY D 111 -24.97 3.76 -16.50
N GLN D 112 -26.12 3.54 -15.85
CA GLN D 112 -27.22 4.51 -15.93
C GLN D 112 -26.87 5.80 -15.20
N GLY D 113 -25.98 5.74 -14.23
CA GLY D 113 -25.65 6.92 -13.44
C GLY D 113 -26.49 7.01 -12.19
N THR D 114 -25.87 7.54 -11.13
CA THR D 114 -26.52 7.76 -9.85
C THR D 114 -26.43 9.24 -9.52
N LEU D 115 -27.58 9.90 -9.35
CA LEU D 115 -27.61 11.30 -8.98
C LEU D 115 -27.53 11.42 -7.46
N VAL D 116 -26.45 12.03 -6.99
CA VAL D 116 -26.36 12.43 -5.59
C VAL D 116 -26.37 13.96 -5.55
N THR D 117 -27.31 14.50 -4.77
CA THR D 117 -27.50 15.94 -4.66
C THR D 117 -27.08 16.36 -3.26
N VAL D 118 -26.13 17.30 -3.18
CA VAL D 118 -25.61 17.79 -1.92
C VAL D 118 -26.11 19.21 -1.71
N SER D 119 -26.92 19.41 -0.67
CA SER D 119 -27.47 20.71 -0.31
C SER D 119 -27.77 20.71 1.19
N SER D 120 -27.84 21.91 1.76
CA SER D 120 -28.12 22.07 3.18
C SER D 120 -29.62 22.21 3.47
N ALA D 121 -30.46 22.27 2.45
CA ALA D 121 -31.90 22.32 2.68
C ALA D 121 -32.40 21.01 3.28
N SER D 122 -33.31 21.12 4.24
CA SER D 122 -33.92 19.95 4.86
C SER D 122 -35.25 19.66 4.18
N THR D 123 -35.70 18.41 4.32
CA THR D 123 -36.95 17.98 3.69
C THR D 123 -38.12 18.84 4.14
N LYS D 124 -38.81 19.45 3.18
CA LYS D 124 -39.97 20.28 3.47
C LYS D 124 -41.06 19.98 2.46
N GLY D 125 -42.28 19.77 2.94
CA GLY D 125 -43.43 19.60 2.09
C GLY D 125 -43.79 20.90 1.40
N PRO D 126 -44.46 20.81 0.25
CA PRO D 126 -44.77 22.01 -0.52
C PRO D 126 -46.07 22.67 -0.08
N SER D 127 -46.05 23.99 -0.06
CA SER D 127 -47.26 24.79 0.09
C SER D 127 -47.83 25.02 -1.30
N VAL D 128 -49.08 24.60 -1.52
CA VAL D 128 -49.70 24.62 -2.84
C VAL D 128 -50.74 25.73 -2.88
N PHE D 129 -50.65 26.58 -3.91
CA PHE D 129 -51.55 27.70 -4.07
C PHE D 129 -52.24 27.64 -5.42
N PRO D 130 -53.52 28.03 -5.51
CA PRO D 130 -54.22 28.01 -6.79
C PRO D 130 -53.89 29.24 -7.62
N LEU D 131 -53.54 29.02 -8.89
CA LEU D 131 -53.40 30.13 -9.83
C LEU D 131 -54.70 30.22 -10.59
N ALA D 132 -55.60 31.07 -10.11
CA ALA D 132 -56.96 31.09 -10.58
C ALA D 132 -57.04 31.61 -12.02
N PRO D 133 -58.00 31.13 -12.79
CA PRO D 133 -58.17 31.63 -14.16
C PRO D 133 -58.89 32.97 -14.18
N SER D 134 -58.51 33.79 -15.16
CA SER D 134 -59.17 35.06 -15.40
C SER D 134 -59.56 35.12 -16.86
N SER D 135 -60.57 35.94 -17.15
CA SER D 135 -60.91 36.22 -18.55
C SER D 135 -59.78 36.90 -19.29
N LYS D 136 -58.74 37.35 -18.58
CA LYS D 136 -57.50 37.83 -19.17
C LYS D 136 -56.48 36.71 -19.40
N SER D 137 -56.82 35.47 -19.06
CA SER D 137 -56.01 34.31 -19.37
C SER D 137 -56.54 33.54 -20.57
N THR D 138 -57.52 34.08 -21.27
CA THR D 138 -58.22 33.38 -22.33
C THR D 138 -57.72 33.80 -23.70
N SER D 139 -58.04 32.97 -24.70
CA SER D 139 -57.91 33.30 -26.11
C SER D 139 -59.28 33.28 -26.76
N GLY D 140 -60.27 33.81 -26.06
CA GLY D 140 -61.66 33.77 -26.52
C GLY D 140 -62.37 32.47 -26.27
N GLY D 141 -61.71 31.35 -26.56
CA GLY D 141 -62.34 30.05 -26.45
C GLY D 141 -61.69 29.13 -25.44
N THR D 142 -60.60 29.57 -24.80
CA THR D 142 -59.87 28.70 -23.89
C THR D 142 -58.99 29.53 -22.97
N ALA D 143 -59.14 29.32 -21.66
CA ALA D 143 -58.39 30.04 -20.65
C ALA D 143 -57.28 29.17 -20.07
N ALA D 144 -56.55 29.72 -19.11
CA ALA D 144 -55.43 29.03 -18.47
C ALA D 144 -55.58 29.11 -16.96
N LEU D 145 -55.42 27.96 -16.30
CA LEU D 145 -55.51 27.86 -14.85
C LEU D 145 -54.46 26.86 -14.38
N GLY D 146 -54.02 27.02 -13.14
CA GLY D 146 -52.94 26.18 -12.67
C GLY D 146 -52.82 26.11 -11.17
N CYS D 147 -51.79 25.38 -10.73
CA CYS D 147 -51.44 25.21 -9.33
C CYS D 147 -49.96 25.53 -9.17
N LEU D 148 -49.63 26.36 -8.19
CA LEU D 148 -48.25 26.69 -7.88
C LEU D 148 -47.80 25.85 -6.69
N VAL D 149 -46.75 25.06 -6.90
CA VAL D 149 -46.21 24.18 -5.87
C VAL D 149 -44.96 24.86 -5.32
N LYS D 150 -45.10 25.51 -4.17
CA LYS D 150 -44.10 26.44 -3.66
C LYS D 150 -43.29 25.82 -2.52
N ASP D 151 -41.99 26.15 -2.49
CA ASP D 151 -41.09 25.82 -1.38
C ASP D 151 -41.13 24.35 -0.98
N TYR D 152 -40.36 23.50 -1.65
CA TYR D 152 -40.29 22.09 -1.27
C TYR D 152 -38.88 21.58 -1.51
N PHE D 153 -38.57 20.46 -0.86
CA PHE D 153 -37.30 19.77 -0.97
C PHE D 153 -37.42 18.37 -0.38
N PRO D 154 -36.83 17.35 -1.00
CA PRO D 154 -36.14 17.43 -2.29
C PRO D 154 -37.07 17.12 -3.46
N GLU D 155 -36.52 17.09 -4.66
CA GLU D 155 -37.29 16.61 -5.80
C GLU D 155 -37.39 15.10 -5.76
N PRO D 156 -38.42 14.51 -6.38
CA PRO D 156 -39.45 15.10 -7.26
C PRO D 156 -40.78 15.44 -6.59
N VAL D 157 -41.66 16.03 -7.41
CA VAL D 157 -43.05 16.29 -7.06
C VAL D 157 -43.91 15.85 -8.24
N THR D 158 -45.06 15.26 -7.95
CA THR D 158 -45.98 14.80 -8.98
C THR D 158 -47.27 15.61 -8.92
N VAL D 159 -47.76 16.03 -10.10
CA VAL D 159 -49.00 16.79 -10.20
C VAL D 159 -49.93 16.10 -11.19
N SER D 160 -51.13 15.79 -10.73
CA SER D 160 -52.21 15.29 -11.57
C SER D 160 -53.40 16.23 -11.45
N TRP D 161 -54.41 16.01 -12.29
CA TRP D 161 -55.54 16.94 -12.39
C TRP D 161 -56.86 16.19 -12.37
N ASN D 162 -57.76 16.61 -11.49
CA ASN D 162 -59.12 16.07 -11.38
C ASN D 162 -59.10 14.55 -11.23
N SER D 163 -58.35 14.08 -10.23
CA SER D 163 -58.23 12.65 -9.93
C SER D 163 -57.59 11.89 -11.09
N GLY D 164 -56.57 12.48 -11.70
CA GLY D 164 -55.86 11.80 -12.77
C GLY D 164 -56.74 11.46 -13.96
N ALA D 165 -57.75 12.30 -14.21
CA ALA D 165 -58.62 12.14 -15.37
C ALA D 165 -58.41 13.23 -16.42
N LEU D 166 -58.03 14.42 -15.99
CA LEU D 166 -57.76 15.53 -16.91
C LEU D 166 -56.30 15.39 -17.34
N THR D 167 -56.10 14.88 -18.55
CA THR D 167 -54.78 14.67 -19.12
C THR D 167 -54.52 15.47 -20.39
N SER D 168 -55.56 15.82 -21.14
CA SER D 168 -55.40 16.59 -22.38
C SER D 168 -55.34 18.06 -22.02
N GLY D 169 -54.18 18.67 -22.22
CA GLY D 169 -53.97 20.08 -21.93
C GLY D 169 -53.11 20.35 -20.72
N VAL D 170 -52.71 19.33 -19.96
CA VAL D 170 -51.84 19.55 -18.83
C VAL D 170 -50.44 19.90 -19.31
N HIS D 171 -49.77 20.78 -18.57
CA HIS D 171 -48.38 21.14 -18.85
C HIS D 171 -47.73 21.44 -17.50
N THR D 172 -47.03 20.45 -16.94
CA THR D 172 -46.34 20.60 -15.67
C THR D 172 -44.90 21.03 -15.95
N PHE D 173 -44.52 22.18 -15.45
CA PHE D 173 -43.26 22.76 -15.85
C PHE D 173 -42.14 22.31 -14.92
N PRO D 174 -40.91 22.23 -15.45
CA PRO D 174 -39.77 21.87 -14.59
C PRO D 174 -39.59 22.87 -13.46
N ALA D 175 -39.08 22.38 -12.34
CA ALA D 175 -38.99 23.20 -11.14
C ALA D 175 -37.81 24.17 -11.22
N VAL D 176 -37.76 25.08 -10.27
CA VAL D 176 -36.67 26.03 -10.13
C VAL D 176 -36.08 25.89 -8.74
N LEU D 177 -34.75 25.87 -8.66
CA LEU D 177 -34.05 25.90 -7.38
C LEU D 177 -33.76 27.35 -7.04
N GLN D 178 -34.24 27.80 -5.89
CA GLN D 178 -34.15 29.20 -5.49
C GLN D 178 -32.87 29.47 -4.73
N SER D 179 -32.66 30.74 -4.37
CA SER D 179 -31.51 31.10 -3.55
C SER D 179 -31.57 30.45 -2.18
N SER D 180 -32.77 30.29 -1.63
CA SER D 180 -32.91 29.67 -0.32
C SER D 180 -32.53 28.20 -0.35
N GLY D 181 -32.63 27.55 -1.50
CA GLY D 181 -32.38 26.13 -1.64
C GLY D 181 -33.62 25.30 -1.86
N LEU D 182 -34.81 25.89 -1.73
CA LEU D 182 -36.06 25.16 -1.89
C LEU D 182 -36.54 25.24 -3.34
N TYR D 183 -37.32 24.24 -3.72
CA TYR D 183 -37.83 24.12 -5.09
C TYR D 183 -39.22 24.72 -5.21
N SER D 184 -39.57 25.12 -6.43
CA SER D 184 -40.92 25.56 -6.76
C SER D 184 -41.19 25.23 -8.22
N LEU D 185 -42.34 24.61 -8.50
CA LEU D 185 -42.77 24.40 -9.87
C LEU D 185 -44.20 24.89 -10.03
N SER D 186 -44.66 24.88 -11.27
CA SER D 186 -46.04 25.24 -11.60
C SER D 186 -46.59 24.22 -12.58
N SER D 187 -47.89 23.95 -12.46
CA SER D 187 -48.59 23.05 -13.35
C SER D 187 -49.84 23.76 -13.85
N VAL D 188 -49.95 23.93 -15.16
CA VAL D 188 -51.02 24.71 -15.77
C VAL D 188 -51.73 23.88 -16.82
N VAL D 189 -53.05 24.06 -16.92
CA VAL D 189 -53.87 23.38 -17.90
C VAL D 189 -54.67 24.43 -18.68
N THR D 190 -54.67 24.30 -20.00
CA THR D 190 -55.38 25.23 -20.87
C THR D 190 -56.76 24.64 -21.16
N VAL D 191 -57.80 25.37 -20.78
CA VAL D 191 -59.14 24.82 -20.64
C VAL D 191 -60.18 25.67 -21.37
N PRO D 192 -61.15 25.06 -22.06
CA PRO D 192 -62.17 25.85 -22.76
C PRO D 192 -62.89 26.81 -21.83
N SER D 193 -63.12 28.03 -22.30
CA SER D 193 -63.75 29.06 -21.48
C SER D 193 -65.26 28.94 -21.41
N SER D 194 -65.84 27.88 -21.98
CA SER D 194 -67.25 27.60 -21.85
C SER D 194 -67.53 26.66 -20.69
N SER D 195 -66.54 26.38 -19.84
CA SER D 195 -66.71 25.38 -18.79
C SER D 195 -65.98 25.75 -17.51
N LEU D 196 -65.84 27.04 -17.21
CA LEU D 196 -65.28 27.41 -15.90
C LEU D 196 -66.29 27.21 -14.79
N GLY D 197 -67.58 27.32 -15.08
CA GLY D 197 -68.61 27.07 -14.09
C GLY D 197 -69.28 25.73 -14.30
N THR D 198 -69.17 25.20 -15.51
CA THR D 198 -69.76 23.90 -15.82
C THR D 198 -69.06 22.78 -15.06
N GLN D 199 -67.73 22.83 -15.00
CA GLN D 199 -66.95 21.78 -14.35
C GLN D 199 -65.91 22.41 -13.43
N THR D 200 -65.57 21.67 -12.37
CA THR D 200 -64.58 22.10 -11.39
C THR D 200 -63.21 21.52 -11.75
N TYR D 201 -62.16 22.15 -11.21
CA TYR D 201 -60.79 21.75 -11.49
C TYR D 201 -60.01 21.62 -10.19
N ILE D 202 -59.79 20.39 -9.76
CA ILE D 202 -58.95 20.09 -8.61
C ILE D 202 -57.58 19.69 -9.14
N CYS D 203 -56.54 19.99 -8.37
CA CYS D 203 -55.19 19.59 -8.71
C CYS D 203 -54.60 18.78 -7.57
N ASN D 204 -54.00 17.64 -7.91
CA ASN D 204 -53.44 16.73 -6.93
C ASN D 204 -51.92 16.85 -6.94
N VAL D 205 -51.34 17.07 -5.75
CA VAL D 205 -49.91 17.25 -5.61
C VAL D 205 -49.39 16.18 -4.65
N ASN D 206 -48.25 15.60 -4.99
CA ASN D 206 -47.61 14.58 -4.16
C ASN D 206 -46.14 14.93 -4.00
N HIS D 207 -45.67 14.96 -2.76
CA HIS D 207 -44.26 15.07 -2.44
C HIS D 207 -43.93 13.90 -1.50
N LYS D 208 -43.62 12.75 -2.10
CA LYS D 208 -43.33 11.54 -1.33
C LYS D 208 -42.18 11.68 -0.33
N PRO D 209 -41.07 12.37 -0.65
CA PRO D 209 -40.00 12.51 0.35
C PRO D 209 -40.46 13.13 1.67
N SER D 210 -41.61 13.80 1.70
CA SER D 210 -42.17 14.31 2.94
C SER D 210 -43.52 13.70 3.27
N ASN D 211 -44.00 12.73 2.47
CA ASN D 211 -45.33 12.14 2.63
C ASN D 211 -46.40 13.23 2.72
N THR D 212 -46.43 14.07 1.69
CA THR D 212 -47.31 15.24 1.63
C THR D 212 -48.14 15.17 0.36
N LYS D 213 -49.43 14.90 0.50
CA LYS D 213 -50.37 14.88 -0.61
C LYS D 213 -51.43 15.96 -0.37
N VAL D 214 -51.61 16.84 -1.35
CA VAL D 214 -52.46 18.02 -1.21
C VAL D 214 -53.38 18.11 -2.43
N ASP D 215 -54.64 18.49 -2.19
CA ASP D 215 -55.61 18.74 -3.25
C ASP D 215 -56.08 20.18 -3.16
N LYS D 216 -56.12 20.87 -4.31
CA LYS D 216 -56.44 22.29 -4.37
C LYS D 216 -57.50 22.54 -5.43
N LYS D 217 -58.62 23.13 -5.02
CA LYS D 217 -59.64 23.53 -5.98
C LYS D 217 -59.30 24.88 -6.58
N VAL D 218 -59.44 24.99 -7.90
CA VAL D 218 -59.11 26.23 -8.61
C VAL D 218 -60.35 26.87 -9.20
N GLU D 219 -61.08 27.62 -8.37
CA GLU D 219 -62.19 28.43 -8.85
C GLU D 219 -61.67 29.73 -9.44
N PRO D 220 -62.45 30.37 -10.31
CA PRO D 220 -62.05 31.70 -10.81
C PRO D 220 -62.01 32.75 -9.72
N LYS D 221 -61.64 33.97 -10.07
CA LYS D 221 -61.54 35.07 -9.11
C LYS D 221 -62.89 35.40 -8.48
N SER E 1 -2.27 14.18 -17.55
CA SER E 1 -1.81 15.49 -17.10
C SER E 1 -2.20 16.54 -18.13
N TYR E 2 -1.94 16.23 -19.40
CA TYR E 2 -2.37 17.10 -20.50
C TYR E 2 -3.88 17.33 -20.45
N VAL E 3 -4.32 18.43 -21.04
CA VAL E 3 -5.73 18.79 -21.08
C VAL E 3 -6.19 18.77 -22.53
N LEU E 4 -7.33 18.12 -22.77
CA LEU E 4 -7.98 18.10 -24.08
C LEU E 4 -8.96 19.26 -24.17
N THR E 5 -8.71 20.19 -25.09
CA THR E 5 -9.54 21.38 -25.24
C THR E 5 -10.42 21.24 -26.48
N GLN E 6 -11.71 21.01 -26.27
CA GLN E 6 -12.69 20.93 -27.34
C GLN E 6 -13.31 22.30 -27.61
N PRO E 7 -14.01 22.47 -28.72
CA PRO E 7 -14.78 23.68 -28.94
C PRO E 7 -16.12 23.56 -28.23
N PRO E 8 -16.48 24.54 -27.39
CA PRO E 8 -17.71 24.41 -26.60
C PRO E 8 -18.95 24.17 -27.44
N SER E 9 -19.08 24.83 -28.58
CA SER E 9 -20.28 24.72 -29.40
C SER E 9 -19.93 24.67 -30.88
N VAL E 10 -20.63 23.80 -31.61
CA VAL E 10 -20.54 23.70 -33.05
C VAL E 10 -21.94 23.40 -33.58
N ALA E 11 -22.44 24.22 -34.49
CA ALA E 11 -23.81 24.11 -34.99
C ALA E 11 -23.81 23.99 -36.50
N VAL E 12 -24.58 23.04 -37.02
CA VAL E 12 -24.73 22.84 -38.46
C VAL E 12 -26.22 22.73 -38.79
N ALA E 13 -26.53 22.35 -40.03
CA ALA E 13 -27.88 22.16 -40.51
C ALA E 13 -28.07 20.71 -40.92
N PRO E 14 -29.32 20.23 -40.98
CA PRO E 14 -29.55 18.84 -41.40
C PRO E 14 -29.01 18.59 -42.80
N GLY E 15 -28.45 17.39 -43.00
CA GLY E 15 -27.81 17.04 -44.24
C GLY E 15 -26.39 17.56 -44.39
N GLN E 16 -25.99 18.53 -43.59
CA GLN E 16 -24.62 19.04 -43.63
C GLN E 16 -23.70 18.07 -42.87
N THR E 17 -22.45 18.49 -42.68
CA THR E 17 -21.48 17.68 -41.93
C THR E 17 -20.88 18.54 -40.83
N ALA E 18 -20.76 17.97 -39.64
CA ALA E 18 -20.19 18.65 -38.49
C ALA E 18 -18.83 18.03 -38.16
N ARG E 19 -17.89 18.88 -37.75
CA ARG E 19 -16.52 18.45 -37.44
C ARG E 19 -16.13 18.98 -36.07
N ILE E 20 -15.87 18.07 -35.13
CA ILE E 20 -15.58 18.39 -33.74
C ILE E 20 -14.10 18.12 -33.48
N ARG E 21 -13.38 19.14 -33.02
CA ARG E 21 -11.93 19.09 -32.89
C ARG E 21 -11.53 18.88 -31.43
N CYS E 22 -10.72 17.84 -31.19
CA CYS E 22 -10.14 17.57 -29.88
C CYS E 22 -8.65 17.88 -29.93
N GLY E 23 -8.17 18.70 -29.00
CA GLY E 23 -6.83 19.26 -29.10
C GLY E 23 -5.96 18.96 -27.91
N GLU E 24 -4.69 18.65 -28.19
CA GLU E 24 -3.67 18.36 -27.18
C GLU E 24 -2.30 18.26 -27.84
N ASN E 25 -1.24 18.63 -27.13
CA ASN E 25 0.10 18.50 -27.68
C ASN E 25 0.42 17.02 -27.91
N ASP E 26 0.98 16.72 -29.08
CA ASP E 26 1.33 15.35 -29.45
C ASP E 26 0.17 14.39 -29.26
N ILE E 27 -1.05 14.85 -29.58
CA ILE E 27 -2.23 14.01 -29.41
C ILE E 27 -2.17 12.77 -30.29
N GLY E 28 -1.35 12.79 -31.34
CA GLY E 28 -1.14 11.61 -32.14
C GLY E 28 -0.30 10.56 -31.46
N SER E 29 0.30 10.88 -30.32
CA SER E 29 1.02 9.89 -29.53
C SER E 29 0.07 8.91 -28.84
N LYS E 30 -1.20 9.24 -28.74
CA LYS E 30 -2.18 8.43 -28.04
C LYS E 30 -3.39 8.20 -28.94
N ASN E 31 -4.26 7.29 -28.50
CA ASN E 31 -5.49 6.97 -29.21
C ASN E 31 -6.64 7.77 -28.61
N VAL E 32 -7.33 8.52 -29.45
CA VAL E 32 -8.46 9.34 -29.03
C VAL E 32 -9.75 8.56 -29.22
N HIS E 33 -10.63 8.65 -28.23
CA HIS E 33 -11.95 8.02 -28.25
C HIS E 33 -13.01 9.09 -28.18
N TRP E 34 -14.21 8.76 -28.66
CA TRP E 34 -15.31 9.71 -28.73
C TRP E 34 -16.58 9.08 -28.19
N TYR E 35 -17.29 9.82 -27.34
CA TYR E 35 -18.55 9.39 -26.78
C TYR E 35 -19.66 10.37 -27.15
N GLN E 36 -20.87 9.85 -27.30
CA GLN E 36 -22.06 10.65 -27.50
C GLN E 36 -22.93 10.57 -26.27
N GLN E 37 -23.41 11.72 -25.79
CA GLN E 37 -24.31 11.78 -24.65
C GLN E 37 -25.52 12.62 -25.03
N LYS E 38 -26.67 11.98 -25.19
CA LYS E 38 -27.93 12.69 -25.41
C LYS E 38 -28.52 13.09 -24.06
N SER E 39 -29.14 14.27 -24.04
CA SER E 39 -29.62 14.90 -22.81
C SER E 39 -30.34 13.92 -21.90
N GLY E 40 -29.92 13.88 -20.64
CA GLY E 40 -30.50 12.96 -19.66
C GLY E 40 -30.22 11.50 -19.93
N GLN E 41 -28.99 11.15 -20.29
CA GLN E 41 -28.66 9.77 -20.58
C GLN E 41 -27.17 9.57 -20.39
N ALA E 42 -26.76 8.31 -20.44
CA ALA E 42 -25.36 7.94 -20.26
C ALA E 42 -24.59 8.06 -21.58
N PRO E 43 -23.29 8.37 -21.51
CA PRO E 43 -22.48 8.41 -22.73
C PRO E 43 -22.43 7.06 -23.41
N VAL E 44 -22.41 7.07 -24.74
CA VAL E 44 -22.26 5.88 -25.55
C VAL E 44 -21.03 6.04 -26.44
N LEU E 45 -20.23 4.99 -26.55
CA LEU E 45 -18.99 5.06 -27.30
C LEU E 45 -19.27 5.07 -28.80
N VAL E 46 -18.80 6.10 -29.48
CA VAL E 46 -19.08 6.30 -30.90
C VAL E 46 -17.87 6.01 -31.77
N VAL E 47 -16.67 6.39 -31.33
CA VAL E 47 -15.43 6.07 -32.03
C VAL E 47 -14.40 5.65 -31.00
N TYR E 48 -13.67 4.57 -31.29
CA TYR E 48 -12.56 4.13 -30.47
C TYR E 48 -11.34 3.87 -31.36
N ASP E 49 -10.15 3.99 -30.76
CA ASP E 49 -8.88 3.81 -31.49
C ASP E 49 -8.77 4.80 -32.65
N ASP E 50 -9.12 6.07 -32.39
CA ASP E 50 -9.02 7.15 -33.35
C ASP E 50 -10.04 7.05 -34.49
N SER E 51 -10.17 5.87 -35.11
CA SER E 51 -10.97 5.73 -36.32
C SER E 51 -11.94 4.56 -36.31
N ASP E 52 -11.79 3.58 -35.43
CA ASP E 52 -12.66 2.41 -35.45
C ASP E 52 -13.99 2.71 -34.78
N ARG E 53 -15.08 2.23 -35.40
CA ARG E 53 -16.38 2.45 -34.80
C ARG E 53 -16.95 1.16 -34.23
N PRO E 54 -17.66 1.23 -33.11
CA PRO E 54 -18.28 0.04 -32.55
C PRO E 54 -19.41 -0.45 -33.42
N SER E 55 -19.89 -1.65 -33.09
CA SER E 55 -20.98 -2.27 -33.81
C SER E 55 -22.24 -1.43 -33.68
N GLY E 56 -22.93 -1.23 -34.80
CA GLY E 56 -24.18 -0.50 -34.79
C GLY E 56 -24.05 1.01 -34.77
N ILE E 57 -22.86 1.55 -34.98
CA ILE E 57 -22.66 2.99 -35.06
C ILE E 57 -22.62 3.38 -36.53
N PRO E 58 -23.41 4.36 -36.97
CA PRO E 58 -23.48 4.68 -38.40
C PRO E 58 -22.11 5.06 -38.97
N GLU E 59 -21.92 4.74 -40.25
CA GLU E 59 -20.66 5.05 -40.91
C GLU E 59 -20.47 6.55 -41.14
N ARG E 60 -21.55 7.33 -41.07
CA ARG E 60 -21.44 8.78 -41.20
C ARG E 60 -20.65 9.40 -40.06
N PHE E 61 -20.38 8.65 -39.00
CA PHE E 61 -19.42 9.04 -37.98
C PHE E 61 -18.05 8.57 -38.44
N SER E 62 -17.05 9.43 -38.31
CA SER E 62 -15.69 9.03 -38.63
C SER E 62 -14.71 9.79 -37.77
N GLY E 63 -13.56 9.16 -37.53
CA GLY E 63 -12.56 9.71 -36.64
C GLY E 63 -11.22 9.83 -37.34
N SER E 64 -10.41 10.76 -36.84
CA SER E 64 -9.09 10.99 -37.38
C SER E 64 -8.23 11.67 -36.34
N ASN E 65 -6.95 11.38 -36.37
CA ASN E 65 -5.97 11.97 -35.44
C ASN E 65 -4.70 12.21 -36.23
N SER E 66 -4.39 13.48 -36.49
CA SER E 66 -3.29 13.87 -37.36
C SER E 66 -2.48 14.98 -36.70
N GLY E 67 -1.81 14.64 -35.59
CA GLY E 67 -0.85 15.54 -34.99
C GLY E 67 -1.23 16.07 -33.62
N ASN E 68 -1.69 17.32 -33.57
CA ASN E 68 -2.14 17.94 -32.33
C ASN E 68 -3.62 18.27 -32.36
N THR E 69 -4.37 17.59 -33.23
CA THR E 69 -5.82 17.78 -33.31
C THR E 69 -6.45 16.49 -33.82
N ALA E 70 -7.47 16.02 -33.12
CA ALA E 70 -8.31 14.92 -33.58
C ALA E 70 -9.72 15.46 -33.85
N THR E 71 -10.35 14.99 -34.92
CA THR E 71 -11.68 15.48 -35.28
C THR E 71 -12.65 14.33 -35.52
N LEU E 72 -13.89 14.49 -34.99
CA LEU E 72 -15.01 13.59 -35.26
C LEU E 72 -15.84 14.16 -36.41
N THR E 73 -15.78 13.53 -37.57
CA THR E 73 -16.58 13.94 -38.72
C THR E 73 -17.93 13.23 -38.67
N ILE E 74 -18.98 13.98 -38.38
CA ILE E 74 -20.35 13.47 -38.43
C ILE E 74 -20.99 14.05 -39.68
N SER E 75 -21.20 13.19 -40.68
CA SER E 75 -21.71 13.58 -41.99
C SER E 75 -23.18 13.18 -42.13
N ARG E 76 -23.82 13.75 -43.16
CA ARG E 76 -25.25 13.50 -43.41
C ARG E 76 -26.08 13.65 -42.14
N VAL E 77 -25.90 14.79 -41.46
CA VAL E 77 -26.31 14.95 -40.06
C VAL E 77 -27.82 14.83 -39.93
N GLU E 78 -28.26 13.93 -39.05
CA GLU E 78 -29.67 13.71 -38.77
C GLU E 78 -30.07 14.51 -37.54
N ALA E 79 -31.30 14.31 -37.07
CA ALA E 79 -31.78 15.00 -35.89
C ALA E 79 -31.35 14.32 -34.60
N GLY E 80 -31.31 12.98 -34.59
CA GLY E 80 -30.88 12.24 -33.41
C GLY E 80 -29.43 12.45 -33.02
N ASP E 81 -28.65 13.14 -33.86
CA ASP E 81 -27.27 13.45 -33.55
C ASP E 81 -27.13 14.68 -32.66
N GLU E 82 -28.23 15.40 -32.40
CA GLU E 82 -28.19 16.53 -31.49
C GLU E 82 -27.84 16.05 -30.10
N ALA E 83 -26.58 16.20 -29.70
CA ALA E 83 -26.10 15.65 -28.44
C ALA E 83 -24.85 16.39 -27.99
N ASP E 84 -24.30 15.95 -26.87
CA ASP E 84 -22.99 16.39 -26.40
C ASP E 84 -21.97 15.32 -26.76
N TYR E 85 -20.86 15.74 -27.37
CA TYR E 85 -19.83 14.83 -27.85
C TYR E 85 -18.52 15.11 -27.12
N TYR E 86 -17.96 14.07 -26.51
CA TYR E 86 -16.77 14.17 -25.68
C TYR E 86 -15.65 13.29 -26.23
N CYS E 87 -14.42 13.80 -26.16
CA CYS E 87 -13.24 13.02 -26.53
C CYS E 87 -12.48 12.64 -25.26
N GLN E 88 -11.78 11.51 -25.33
CA GLN E 88 -11.11 10.95 -24.16
C GLN E 88 -9.80 10.31 -24.58
N VAL E 89 -8.80 10.41 -23.69
CA VAL E 89 -7.52 9.73 -23.85
C VAL E 89 -7.12 9.12 -22.52
N TRP E 90 -6.12 8.23 -22.58
CA TRP E 90 -5.45 7.70 -21.41
C TRP E 90 -4.03 8.25 -21.41
N ASP E 91 -3.71 9.08 -20.43
CA ASP E 91 -2.43 9.78 -20.40
C ASP E 91 -1.66 9.30 -19.17
N SER E 92 -0.54 8.63 -19.42
CA SER E 92 0.40 8.29 -18.37
C SER E 92 1.75 8.95 -18.59
N THR E 93 1.85 9.90 -19.53
CA THR E 93 3.10 10.60 -19.77
C THR E 93 3.32 11.77 -18.82
N GLY E 94 2.30 12.13 -18.03
CA GLY E 94 2.41 13.15 -17.01
C GLY E 94 2.71 12.57 -15.64
N ASP E 95 2.19 13.25 -14.61
CA ASP E 95 2.52 12.91 -13.23
C ASP E 95 1.81 11.65 -12.74
N HIS E 96 0.59 11.40 -13.21
CA HIS E 96 -0.21 10.29 -12.73
C HIS E 96 -0.94 9.67 -13.93
N PRO E 97 -0.98 8.34 -14.03
CA PRO E 97 -1.67 7.72 -15.17
C PRO E 97 -3.17 7.92 -15.10
N ASP E 98 -3.68 8.89 -15.87
CA ASP E 98 -5.06 9.32 -15.74
C ASP E 98 -5.83 9.11 -17.04
N VAL E 99 -7.15 9.01 -16.90
CA VAL E 99 -8.08 9.12 -18.01
C VAL E 99 -8.55 10.56 -18.09
N VAL E 100 -8.42 11.17 -19.27
CA VAL E 100 -8.75 12.58 -19.46
C VAL E 100 -9.86 12.71 -20.49
N PHE E 101 -10.85 13.55 -20.17
CA PHE E 101 -11.91 13.94 -21.09
C PHE E 101 -11.73 15.40 -21.50
N GLY E 102 -12.41 15.76 -22.58
CA GLY E 102 -12.46 17.15 -22.99
C GLY E 102 -13.68 17.86 -22.44
N GLY E 103 -13.73 19.18 -22.67
CA GLY E 103 -14.83 19.98 -22.18
C GLY E 103 -16.17 19.62 -22.80
N GLY E 104 -16.16 18.93 -23.93
CA GLY E 104 -17.37 18.57 -24.63
C GLY E 104 -17.73 19.55 -25.72
N THR E 105 -18.57 19.08 -26.65
CA THR E 105 -19.09 19.92 -27.72
C THR E 105 -20.54 19.54 -27.94
N LYS E 106 -21.43 20.52 -27.87
CA LYS E 106 -22.85 20.29 -28.11
C LYS E 106 -23.14 20.48 -29.60
N LEU E 107 -23.81 19.49 -30.19
CA LEU E 107 -24.28 19.60 -31.57
C LEU E 107 -25.73 20.04 -31.58
N THR E 108 -25.96 21.32 -31.84
CA THR E 108 -27.31 21.85 -32.14
C THR E 108 -27.51 21.66 -33.65
N VAL E 109 -28.30 20.66 -34.04
CA VAL E 109 -28.49 20.27 -35.44
C VAL E 109 -29.20 21.37 -36.22
N LEU E 110 -29.88 22.25 -35.48
CA LEU E 110 -30.47 23.47 -36.02
C LEU E 110 -31.24 23.21 -37.32
N GLY E 111 -32.33 22.45 -37.19
CA GLY E 111 -33.18 22.08 -38.30
C GLY E 111 -34.64 22.01 -37.93
N GLN E 112 -35.25 23.17 -37.71
CA GLN E 112 -36.65 23.29 -37.30
C GLN E 112 -37.03 24.77 -37.33
N PRO E 113 -38.33 25.11 -37.28
CA PRO E 113 -38.73 26.52 -37.38
C PRO E 113 -38.20 27.40 -36.25
N LYS E 114 -38.64 28.66 -36.23
CA LYS E 114 -38.20 29.62 -35.23
C LYS E 114 -39.37 30.07 -34.36
N ALA E 115 -40.11 29.11 -33.80
CA ALA E 115 -41.36 29.39 -33.12
C ALA E 115 -41.19 30.40 -31.99
N ALA E 116 -42.14 31.32 -31.88
CA ALA E 116 -42.06 32.42 -30.93
C ALA E 116 -42.62 32.01 -29.57
N PRO E 117 -42.22 32.69 -28.50
CA PRO E 117 -42.62 32.25 -27.15
C PRO E 117 -44.08 32.55 -26.85
N SER E 118 -44.74 31.59 -26.21
CA SER E 118 -46.04 31.79 -25.58
C SER E 118 -45.81 32.11 -24.11
N VAL E 119 -46.46 33.17 -23.62
CA VAL E 119 -46.23 33.66 -22.27
C VAL E 119 -47.58 33.83 -21.58
N THR E 120 -47.67 33.29 -20.37
CA THR E 120 -48.80 33.56 -19.48
C THR E 120 -48.26 33.98 -18.12
N LEU E 121 -48.85 35.02 -17.55
CA LEU E 121 -48.39 35.60 -16.30
C LEU E 121 -49.53 35.51 -15.28
N PHE E 122 -49.19 35.09 -14.05
CA PHE E 122 -50.18 34.85 -13.01
C PHE E 122 -49.94 35.77 -11.83
N PRO E 123 -51.00 36.35 -11.26
CA PRO E 123 -50.85 37.19 -10.07
C PRO E 123 -50.66 36.34 -8.83
N PRO E 124 -50.47 36.96 -7.66
CA PRO E 124 -50.46 36.18 -6.42
C PRO E 124 -51.85 35.70 -6.05
N SER E 125 -51.94 34.44 -5.64
CA SER E 125 -53.20 33.90 -5.14
C SER E 125 -53.59 34.58 -3.84
N SER E 126 -54.91 34.65 -3.61
CA SER E 126 -55.40 35.27 -2.38
C SER E 126 -54.95 34.49 -1.14
N GLU E 127 -54.82 33.16 -1.26
CA GLU E 127 -54.35 32.38 -0.12
C GLU E 127 -52.91 32.72 0.23
N GLU E 128 -52.08 33.01 -0.77
CA GLU E 128 -50.69 33.35 -0.52
C GLU E 128 -50.56 34.71 0.16
N LEU E 129 -51.33 35.69 -0.30
CA LEU E 129 -51.33 36.99 0.37
C LEU E 129 -51.87 36.89 1.78
N GLN E 130 -52.80 35.96 2.03
CA GLN E 130 -53.23 35.70 3.41
C GLN E 130 -52.08 35.14 4.24
N ALA E 131 -51.16 34.42 3.61
CA ALA E 131 -50.00 33.87 4.29
C ALA E 131 -48.84 34.85 4.37
N ASN E 132 -49.07 36.12 4.05
CA ASN E 132 -48.05 37.16 4.06
C ASN E 132 -46.88 36.78 3.16
N LYS E 133 -47.19 36.66 1.87
CA LYS E 133 -46.21 36.35 0.84
C LYS E 133 -46.86 36.61 -0.52
N ALA E 134 -46.03 36.68 -1.55
CA ALA E 134 -46.55 36.94 -2.89
C ALA E 134 -45.60 36.37 -3.91
N THR E 135 -46.16 35.86 -5.00
CA THR E 135 -45.37 35.30 -6.10
C THR E 135 -46.05 35.62 -7.41
N LEU E 136 -45.27 36.11 -8.37
CA LEU E 136 -45.73 36.28 -9.74
C LEU E 136 -45.12 35.17 -10.58
N VAL E 137 -45.94 34.50 -11.38
CA VAL E 137 -45.52 33.32 -12.12
C VAL E 137 -45.58 33.65 -13.61
N CYS E 138 -44.42 33.72 -14.24
CA CYS E 138 -44.31 33.93 -15.68
C CYS E 138 -43.93 32.61 -16.34
N LEU E 139 -44.82 32.08 -17.17
CA LEU E 139 -44.63 30.78 -17.80
C LEU E 139 -44.44 30.98 -19.29
N ILE E 140 -43.28 30.58 -19.80
CA ILE E 140 -42.97 30.70 -21.21
C ILE E 140 -42.97 29.30 -21.81
N SER E 141 -43.66 29.13 -22.93
CA SER E 141 -43.96 27.82 -23.49
C SER E 141 -43.74 27.85 -24.99
N ASP E 142 -43.76 26.66 -25.60
CA ASP E 142 -43.71 26.45 -27.05
C ASP E 142 -42.77 27.38 -27.81
N PHE E 143 -41.64 27.74 -27.21
CA PHE E 143 -40.65 28.57 -27.89
C PHE E 143 -39.50 27.69 -28.36
N TYR E 144 -39.08 27.92 -29.61
CA TYR E 144 -38.00 27.21 -30.26
C TYR E 144 -37.10 28.24 -30.94
N PRO E 145 -35.78 28.06 -30.91
CA PRO E 145 -34.92 26.94 -30.44
C PRO E 145 -34.97 26.57 -28.95
N GLY E 146 -34.14 27.21 -28.14
CA GLY E 146 -34.02 26.86 -26.73
C GLY E 146 -33.29 27.92 -25.95
N ALA E 147 -33.45 29.17 -26.35
CA ALA E 147 -32.97 30.33 -25.61
C ALA E 147 -34.14 30.98 -24.89
N VAL E 148 -34.00 32.28 -24.58
CA VAL E 148 -34.98 33.23 -24.03
C VAL E 148 -34.26 34.18 -23.08
N THR E 149 -34.69 35.44 -23.06
CA THR E 149 -34.18 36.43 -22.11
C THR E 149 -35.38 37.07 -21.41
N VAL E 150 -35.37 37.04 -20.08
CA VAL E 150 -36.51 37.46 -19.28
C VAL E 150 -36.15 38.71 -18.50
N ALA E 151 -37.15 39.58 -18.29
CA ALA E 151 -37.00 40.78 -17.49
C ALA E 151 -38.34 41.15 -16.88
N TRP E 152 -38.32 41.52 -15.60
CA TRP E 152 -39.48 41.99 -14.88
C TRP E 152 -39.38 43.50 -14.69
N LYS E 153 -40.53 44.14 -14.45
CA LYS E 153 -40.52 45.55 -14.13
C LYS E 153 -41.80 45.95 -13.42
N ALA E 154 -41.65 46.70 -12.32
CA ALA E 154 -42.78 47.25 -11.57
C ALA E 154 -43.07 48.65 -12.10
N ASP E 155 -44.19 48.80 -12.80
CA ASP E 155 -44.53 50.03 -13.51
C ASP E 155 -43.41 50.42 -14.47
N SER E 156 -43.12 49.49 -15.38
CA SER E 156 -42.12 49.65 -16.44
C SER E 156 -40.69 49.73 -15.91
N SER E 157 -40.51 50.08 -14.63
CA SER E 157 -39.19 50.16 -14.03
C SER E 157 -38.74 48.78 -13.55
N PRO E 158 -37.57 48.29 -13.99
CA PRO E 158 -37.19 46.91 -13.69
C PRO E 158 -37.06 46.63 -12.19
N VAL E 159 -37.07 45.35 -11.85
CA VAL E 159 -37.09 44.88 -10.46
C VAL E 159 -35.76 44.23 -10.07
N LYS E 160 -35.41 43.13 -10.73
CA LYS E 160 -34.13 42.43 -10.55
C LYS E 160 -34.00 41.75 -9.18
N ALA E 161 -34.78 42.18 -8.19
CA ALA E 161 -34.74 41.61 -6.86
C ALA E 161 -35.93 40.68 -6.65
N GLY E 162 -35.66 39.44 -6.24
CA GLY E 162 -36.69 38.45 -6.07
C GLY E 162 -36.93 37.58 -7.29
N VAL E 163 -36.11 37.68 -8.31
CA VAL E 163 -36.29 36.94 -9.56
C VAL E 163 -35.54 35.62 -9.46
N GLU E 164 -36.17 34.56 -9.93
CA GLU E 164 -35.53 33.25 -10.07
C GLU E 164 -36.08 32.60 -11.33
N THR E 165 -35.21 32.35 -12.29
CA THR E 165 -35.63 31.88 -13.61
C THR E 165 -35.07 30.49 -13.90
N THR E 166 -35.91 29.66 -14.50
CA THR E 166 -35.55 28.34 -14.99
C THR E 166 -34.65 28.46 -16.22
N THR E 167 -33.79 27.44 -16.41
CA THR E 167 -33.08 27.39 -17.68
C THR E 167 -33.91 26.64 -18.73
N PRO E 168 -33.86 27.10 -19.98
CA PRO E 168 -34.72 26.49 -21.03
C PRO E 168 -34.61 24.97 -21.07
N SER E 169 -35.76 24.31 -21.16
CA SER E 169 -35.85 22.86 -21.13
C SER E 169 -36.82 22.41 -22.23
N LYS E 170 -36.43 21.37 -22.96
CA LYS E 170 -37.21 20.91 -24.10
C LYS E 170 -38.53 20.30 -23.64
N GLN E 171 -39.57 20.53 -24.44
CA GLN E 171 -40.89 19.98 -24.18
C GLN E 171 -41.13 18.73 -25.02
N SER E 172 -42.28 18.10 -24.80
CA SER E 172 -42.68 16.95 -25.59
C SER E 172 -42.78 17.31 -27.08
N ASN E 173 -43.36 18.48 -27.38
CA ASN E 173 -43.55 18.88 -28.78
C ASN E 173 -42.22 19.08 -29.49
N ASN E 174 -41.15 19.32 -28.72
CA ASN E 174 -39.75 19.52 -29.12
C ASN E 174 -39.38 21.00 -29.12
N LYS E 175 -40.31 21.88 -28.73
CA LYS E 175 -39.91 23.23 -28.37
C LYS E 175 -39.43 23.26 -26.92
N TYR E 176 -38.86 24.39 -26.53
CA TYR E 176 -38.31 24.55 -25.19
C TYR E 176 -39.26 25.39 -24.34
N ALA E 177 -39.41 25.01 -23.07
CA ALA E 177 -40.19 25.75 -22.10
C ALA E 177 -39.29 26.28 -21.00
N ALA E 178 -39.69 27.40 -20.41
CA ALA E 178 -38.96 28.00 -19.30
C ALA E 178 -39.94 28.72 -18.40
N SER E 179 -39.46 29.13 -17.23
CA SER E 179 -40.34 29.74 -16.24
C SER E 179 -39.55 30.74 -15.41
N SER E 180 -40.24 31.77 -14.94
CA SER E 180 -39.63 32.80 -14.10
C SER E 180 -40.57 33.18 -12.98
N TYR E 181 -40.04 33.30 -11.77
CA TYR E 181 -40.81 33.62 -10.59
C TYR E 181 -40.27 34.91 -9.98
N LEU E 182 -41.18 35.76 -9.52
CA LEU E 182 -40.82 37.02 -8.87
C LEU E 182 -41.43 37.01 -7.48
N SER E 183 -40.57 36.98 -6.46
CA SER E 183 -41.03 36.93 -5.07
C SER E 183 -41.21 38.35 -4.55
N LEU E 184 -42.43 38.67 -4.15
CA LEU E 184 -42.75 40.00 -3.62
C LEU E 184 -43.27 39.89 -2.21
N THR E 185 -43.23 41.02 -1.51
CA THR E 185 -44.02 41.18 -0.32
C THR E 185 -45.41 41.65 -0.71
N PRO E 186 -46.43 41.35 0.10
CA PRO E 186 -47.79 41.79 -0.25
C PRO E 186 -47.89 43.28 -0.52
N GLU E 187 -47.23 44.09 0.32
CA GLU E 187 -47.27 45.54 0.14
C GLU E 187 -46.63 45.94 -1.18
N GLN E 188 -45.50 45.31 -1.54
CA GLN E 188 -44.84 45.62 -2.81
C GLN E 188 -45.74 45.29 -3.99
N TRP E 189 -46.61 44.29 -3.85
CA TRP E 189 -47.55 43.96 -4.93
C TRP E 189 -48.62 45.04 -5.07
N LYS E 190 -49.16 45.51 -3.94
CA LYS E 190 -50.21 46.52 -3.95
C LYS E 190 -49.65 47.94 -4.08
N SER E 191 -48.38 48.15 -3.73
CA SER E 191 -47.80 49.49 -3.83
C SER E 191 -47.76 49.96 -5.29
N HIS E 192 -47.32 49.10 -6.19
CA HIS E 192 -47.29 49.41 -7.61
C HIS E 192 -48.65 49.09 -8.24
N ARG E 193 -48.92 49.74 -9.37
CA ARG E 193 -50.19 49.57 -10.05
C ARG E 193 -50.17 48.45 -11.08
N SER E 194 -48.98 47.99 -11.48
CA SER E 194 -48.87 46.95 -12.49
C SER E 194 -47.45 46.39 -12.58
N TYR E 195 -47.32 45.07 -12.42
CA TYR E 195 -46.07 44.38 -12.70
C TYR E 195 -46.17 43.70 -14.07
N SER E 196 -45.04 43.65 -14.77
CA SER E 196 -44.99 43.11 -16.12
C SER E 196 -43.84 42.13 -16.26
N CYS E 197 -44.04 41.09 -17.06
CA CYS E 197 -43.01 40.12 -17.40
C CYS E 197 -42.72 40.23 -18.89
N GLN E 198 -41.47 40.56 -19.23
CA GLN E 198 -41.06 40.75 -20.62
C GLN E 198 -40.17 39.59 -21.05
N VAL E 199 -40.45 39.05 -22.23
CA VAL E 199 -39.75 37.87 -22.75
C VAL E 199 -39.19 38.22 -24.11
N THR E 200 -37.87 38.03 -24.27
CA THR E 200 -37.15 38.38 -25.49
C THR E 200 -36.61 37.12 -26.14
N HIS E 201 -36.90 36.95 -27.43
CA HIS E 201 -36.45 35.79 -28.18
C HIS E 201 -36.01 36.26 -29.55
N GLU E 202 -34.81 35.86 -29.98
CA GLU E 202 -34.22 36.30 -31.23
C GLU E 202 -34.23 37.82 -31.28
N GLY E 203 -35.34 38.40 -31.72
CA GLY E 203 -35.56 39.82 -31.65
C GLY E 203 -36.92 40.13 -31.08
N SER E 204 -37.71 39.08 -30.85
CA SER E 204 -39.07 39.23 -30.34
C SER E 204 -39.05 39.93 -28.98
N THR E 205 -40.18 40.52 -28.63
CA THR E 205 -40.38 40.99 -27.26
C THR E 205 -41.86 40.91 -26.96
N VAL E 206 -42.23 40.03 -26.03
CA VAL E 206 -43.61 39.82 -25.62
C VAL E 206 -43.70 40.16 -24.14
N GLU E 207 -44.59 41.10 -23.81
CA GLU E 207 -44.74 41.58 -22.44
C GLU E 207 -46.17 41.32 -21.98
N LYS E 208 -46.30 40.76 -20.79
CA LYS E 208 -47.60 40.49 -20.17
C LYS E 208 -47.67 41.22 -18.84
N THR E 209 -48.79 41.89 -18.59
CA THR E 209 -48.96 42.71 -17.40
C THR E 209 -50.05 42.11 -16.51
N VAL E 210 -49.90 42.31 -15.22
CA VAL E 210 -50.91 41.96 -14.24
C VAL E 210 -50.98 43.07 -13.21
N ALA E 211 -52.20 43.46 -12.85
CA ALA E 211 -52.46 44.47 -11.83
C ALA E 211 -53.02 43.83 -10.57
N PRO E 212 -52.96 44.52 -9.43
CA PRO E 212 -53.59 43.99 -8.22
C PRO E 212 -55.10 43.96 -8.31
N THR E 213 -55.75 43.53 -7.22
CA THR E 213 -57.20 43.39 -7.16
C THR E 213 -57.72 42.48 -8.28
#